data_4RWA
#
_entry.id   4RWA
#
_cell.length_a   160.549
_cell.length_b   86.121
_cell.length_c   94.684
_cell.angle_alpha   90.00
_cell.angle_beta   92.21
_cell.angle_gamma   90.00
#
_symmetry.space_group_name_H-M   'C 1 2 1'
#
loop_
_entity.id
_entity.type
_entity.pdbx_description
1 polymer 'Soluble cytochrome b562,Delta-type opioid receptor'
2 polymer 'bifunctional peptide'
3 non-polymer '(2R)-2,3-dihydroxypropyl (9Z)-octadec-9-enoate'
4 water water
#
loop_
_entity_poly.entity_id
_entity_poly.type
_entity_poly.pdbx_seq_one_letter_code
_entity_poly.pdbx_strand_id
1 'polypeptide(L)'
;GGTTMADLEDNWETLNDNLKVIEKADNAAQVKDALTKMRAAALDAQKATPPKLEDKSPDSPEMKDFRHGFDILVGQIDDA
LKLANEGKVKEAQAAAEQLKTTRNAYIQKYLGARSASSLALAIAITALYSAVCAVGLLGNVLVMFGIVRYTKMKTATNIY
IFNLALADALATSTLPFQSAKYLMETWPFGELLCKAVLSIDYYNMFTSIFTLTMMSVDRYIAVCHPVKALDFRTPAKAKL
INICIWVLASGVGVPIMVMAVTRPRDGAVVCMLQFPSPSWYWDTVTKICVFLFAFVVPILIITVCYGLMLLRLRSVRLLS
GSKEKDRSLRRITRMVLVVVGAFVVCWAPIHIFVIVWTLVDIDRRDPLVVAALHLCIALGYANSSLNPVLYAFLDENFKR
CFRQLCRKPCG
;
A,B
2 'polypeptide(L)' (DI7)(DI8)FF(NH2) G,H
#
# COMPACT_ATOMS: atom_id res chain seq x y z
N ASP A 7 -4.92 -14.02 -12.69
CA ASP A 7 -5.12 -13.54 -14.08
C ASP A 7 -5.57 -14.68 -14.99
N LEU A 8 -4.94 -15.86 -14.87
CA LEU A 8 -5.25 -17.01 -15.73
C LEU A 8 -6.57 -17.69 -15.36
N GLU A 9 -6.75 -18.03 -14.09
CA GLU A 9 -8.01 -18.60 -13.61
C GLU A 9 -9.20 -17.71 -14.01
N ASP A 10 -8.96 -16.40 -14.04
CA ASP A 10 -9.92 -15.43 -14.56
C ASP A 10 -10.26 -15.73 -16.04
N ASN A 11 -9.24 -15.93 -16.88
CA ASN A 11 -9.44 -16.30 -18.30
C ASN A 11 -10.14 -17.66 -18.46
N TRP A 12 -9.64 -18.66 -17.75
CA TRP A 12 -10.29 -19.96 -17.70
C TRP A 12 -11.73 -19.82 -17.24
N GLU A 13 -12.01 -18.85 -16.37
CA GLU A 13 -13.38 -18.55 -15.97
C GLU A 13 -14.25 -18.10 -17.14
N THR A 14 -13.76 -17.18 -17.97
CA THR A 14 -14.55 -16.63 -19.07
C THR A 14 -14.75 -17.59 -20.24
N LEU A 15 -13.82 -18.54 -20.42
CA LEU A 15 -14.03 -19.62 -21.39
C LEU A 15 -15.27 -20.41 -20.98
N ASN A 16 -15.24 -20.96 -19.76
CA ASN A 16 -16.33 -21.77 -19.24
C ASN A 16 -17.68 -21.07 -19.32
N ASP A 17 -17.67 -19.78 -19.00
CA ASP A 17 -18.90 -19.02 -18.91
C ASP A 17 -19.49 -18.79 -20.30
N ASN A 18 -18.65 -18.30 -21.22
CA ASN A 18 -19.06 -18.10 -22.61
C ASN A 18 -19.47 -19.38 -23.30
N LEU A 19 -18.82 -20.49 -22.96
CA LEU A 19 -19.21 -21.78 -23.49
C LEU A 19 -20.70 -22.05 -23.26
N LYS A 20 -21.17 -21.83 -22.03
CA LYS A 20 -22.56 -22.14 -21.68
C LYS A 20 -23.56 -21.06 -22.10
N VAL A 21 -23.03 -19.90 -22.50
CA VAL A 21 -23.84 -18.87 -23.15
C VAL A 21 -24.19 -19.31 -24.57
N ILE A 22 -23.23 -19.97 -25.22
CA ILE A 22 -23.43 -20.57 -26.54
C ILE A 22 -24.39 -21.74 -26.43
N GLU A 23 -24.28 -22.52 -25.36
CA GLU A 23 -25.18 -23.64 -25.11
C GLU A 23 -26.60 -23.22 -24.74
N LYS A 24 -26.79 -21.96 -24.34
CA LYS A 24 -28.12 -21.44 -24.05
C LYS A 24 -28.54 -20.39 -25.07
N ALA A 25 -27.80 -20.27 -26.17
CA ALA A 25 -28.03 -19.19 -27.13
C ALA A 25 -29.20 -19.50 -28.05
N ASP A 26 -29.64 -18.50 -28.79
CA ASP A 26 -30.77 -18.65 -29.70
C ASP A 26 -30.48 -18.09 -31.11
N ASN A 27 -29.26 -17.62 -31.34
CA ASN A 27 -28.94 -16.95 -32.61
C ASN A 27 -27.43 -16.80 -32.87
N ALA A 28 -27.09 -16.43 -34.09
CA ALA A 28 -25.70 -16.44 -34.56
C ALA A 28 -24.86 -15.33 -33.93
N ALA A 29 -25.44 -14.15 -33.77
CA ALA A 29 -24.70 -12.99 -33.29
C ALA A 29 -24.18 -13.20 -31.87
N GLN A 30 -25.07 -13.66 -31.01
CA GLN A 30 -24.71 -13.84 -29.62
C GLN A 30 -23.81 -15.06 -29.40
N VAL A 31 -23.93 -16.09 -30.25
CA VAL A 31 -22.94 -17.18 -30.27
C VAL A 31 -21.57 -16.65 -30.69
N LYS A 32 -21.57 -15.85 -31.76
CA LYS A 32 -20.35 -15.31 -32.36
C LYS A 32 -19.57 -14.47 -31.36
N ASP A 33 -20.28 -13.52 -30.78
CA ASP A 33 -19.73 -12.68 -29.75
C ASP A 33 -19.04 -13.50 -28.68
N ALA A 34 -19.73 -14.50 -28.15
CA ALA A 34 -19.19 -15.37 -27.10
C ALA A 34 -17.87 -16.00 -27.53
N LEU A 35 -17.85 -16.54 -28.74
CA LEU A 35 -16.64 -17.16 -29.29
C LEU A 35 -15.50 -16.15 -29.25
N THR A 36 -15.78 -14.96 -29.77
CA THR A 36 -14.77 -13.92 -29.94
C THR A 36 -14.15 -13.51 -28.61
N LYS A 37 -14.93 -13.61 -27.55
CA LYS A 37 -14.43 -13.37 -26.20
C LYS A 37 -13.46 -14.48 -25.77
N MET A 38 -13.87 -15.72 -26.01
CA MET A 38 -13.08 -16.89 -25.62
C MET A 38 -11.73 -16.91 -26.30
N ARG A 39 -11.69 -16.50 -27.55
CA ARG A 39 -10.45 -16.48 -28.31
C ARG A 39 -9.47 -15.50 -27.69
N ALA A 40 -9.97 -14.34 -27.26
CA ALA A 40 -9.15 -13.37 -26.56
C ALA A 40 -8.65 -13.95 -25.25
N ALA A 41 -9.57 -14.57 -24.51
CA ALA A 41 -9.23 -15.21 -23.24
C ALA A 41 -8.14 -16.26 -23.41
N ALA A 42 -8.28 -17.10 -24.41
CA ALA A 42 -7.32 -18.18 -24.69
C ALA A 42 -5.92 -17.70 -25.13
N LEU A 43 -5.83 -16.51 -25.72
CA LEU A 43 -4.55 -15.94 -26.13
C LEU A 43 -3.80 -15.26 -24.99
N ASP A 44 -4.52 -14.55 -24.12
CA ASP A 44 -3.91 -13.94 -22.94
C ASP A 44 -3.59 -15.03 -21.91
N ALA A 45 -4.30 -16.16 -21.98
CA ALA A 45 -3.99 -17.32 -21.15
C ALA A 45 -2.73 -18.02 -21.63
N GLN A 46 -2.60 -18.13 -22.94
CA GLN A 46 -1.41 -18.75 -23.52
C GLN A 46 -0.14 -18.00 -23.11
N LYS A 47 -0.23 -16.67 -23.02
CA LYS A 47 0.93 -15.83 -22.67
C LYS A 47 1.38 -16.13 -21.24
N ALA A 48 0.45 -16.57 -20.40
CA ALA A 48 0.70 -16.72 -18.96
C ALA A 48 1.39 -18.03 -18.59
N THR A 49 2.21 -17.97 -17.55
CA THR A 49 2.85 -19.13 -16.95
C THR A 49 2.02 -19.59 -15.74
N PRO A 50 1.65 -20.89 -15.69
CA PRO A 50 0.82 -21.42 -14.61
C PRO A 50 1.65 -22.03 -13.48
N PRO A 51 1.03 -22.25 -12.30
CA PRO A 51 1.79 -22.57 -11.09
C PRO A 51 2.52 -23.92 -11.13
N LYS A 52 1.87 -24.97 -11.65
CA LYS A 52 2.51 -26.28 -11.80
C LYS A 52 3.84 -26.13 -12.54
N LEU A 53 3.93 -25.13 -13.40
CA LEU A 53 5.16 -24.79 -14.10
C LEU A 53 5.80 -23.55 -13.49
N GLU A 54 5.86 -23.51 -12.15
CA GLU A 54 6.26 -22.32 -11.37
C GLU A 54 7.23 -21.36 -12.06
N ASP A 55 8.47 -21.80 -12.30
CA ASP A 55 9.42 -21.04 -13.11
C ASP A 55 10.39 -22.00 -13.83
N LYS A 56 9.83 -22.89 -14.65
CA LYS A 56 10.62 -23.74 -15.53
C LYS A 56 11.22 -22.91 -16.65
N SER A 57 12.08 -23.55 -17.43
CA SER A 57 12.65 -22.93 -18.61
C SER A 57 11.51 -22.44 -19.50
N PRO A 58 11.54 -21.15 -19.87
CA PRO A 58 10.53 -20.65 -20.81
C PRO A 58 10.43 -21.43 -22.13
N ASP A 59 11.32 -22.40 -22.36
CA ASP A 59 11.18 -23.33 -23.48
C ASP A 59 11.40 -24.77 -23.05
N SER A 60 10.89 -25.12 -21.87
CA SER A 60 10.90 -26.52 -21.45
C SER A 60 9.87 -27.29 -22.26
N PRO A 61 10.00 -28.63 -22.33
CA PRO A 61 9.02 -29.45 -23.03
C PRO A 61 7.59 -29.22 -22.54
N GLU A 62 7.45 -29.19 -21.22
CA GLU A 62 6.16 -29.06 -20.56
C GLU A 62 5.56 -27.68 -20.84
N MET A 63 6.41 -26.67 -20.87
CA MET A 63 6.01 -25.31 -21.17
C MET A 63 5.63 -25.17 -22.65
N LYS A 64 6.47 -25.71 -23.52
CA LYS A 64 6.16 -25.77 -24.94
C LYS A 64 4.82 -26.47 -25.16
N ASP A 65 4.59 -27.55 -24.40
CA ASP A 65 3.39 -28.38 -24.52
C ASP A 65 2.12 -27.71 -24.00
N PHE A 66 2.23 -27.00 -22.89
CA PHE A 66 1.13 -26.19 -22.37
C PHE A 66 0.73 -25.14 -23.40
N ARG A 67 1.71 -24.33 -23.83
CA ARG A 67 1.47 -23.31 -24.84
C ARG A 67 0.78 -23.89 -26.07
N HIS A 68 1.17 -25.11 -26.44
CA HIS A 68 0.58 -25.78 -27.60
C HIS A 68 -0.92 -25.99 -27.42
N GLY A 69 -1.32 -26.49 -26.27
CA GLY A 69 -2.72 -26.72 -25.96
C GLY A 69 -3.61 -25.57 -26.38
N PHE A 70 -3.11 -24.34 -26.22
CA PHE A 70 -3.89 -23.15 -26.54
C PHE A 70 -3.93 -22.86 -28.01
N ASP A 71 -2.78 -22.92 -28.67
CA ASP A 71 -2.76 -22.81 -30.12
C ASP A 71 -3.78 -23.76 -30.73
N ILE A 72 -3.96 -24.93 -30.14
CA ILE A 72 -4.97 -25.87 -30.59
C ILE A 72 -6.34 -25.27 -30.39
N LEU A 73 -6.61 -24.87 -29.15
CA LEU A 73 -7.92 -24.38 -28.75
C LEU A 73 -8.36 -23.21 -29.61
N VAL A 74 -7.44 -22.25 -29.77
CA VAL A 74 -7.67 -21.06 -30.59
C VAL A 74 -8.13 -21.51 -31.96
N GLY A 75 -7.32 -22.35 -32.59
CA GLY A 75 -7.66 -22.93 -33.89
C GLY A 75 -9.11 -23.34 -33.95
N GLN A 76 -9.53 -24.11 -32.95
CA GLN A 76 -10.90 -24.60 -32.87
C GLN A 76 -11.93 -23.50 -32.68
N ILE A 77 -11.54 -22.42 -32.01
CA ILE A 77 -12.42 -21.26 -31.86
C ILE A 77 -12.60 -20.55 -33.20
N ASP A 78 -11.51 -20.38 -33.93
CA ASP A 78 -11.59 -19.79 -35.26
C ASP A 78 -12.44 -20.64 -36.21
N ASP A 79 -12.46 -21.96 -35.98
CA ASP A 79 -13.36 -22.88 -36.69
C ASP A 79 -14.83 -22.65 -36.38
N ALA A 80 -15.16 -22.66 -35.09
CA ALA A 80 -16.54 -22.39 -34.64
C ALA A 80 -17.01 -21.02 -35.08
N LEU A 81 -16.08 -20.07 -35.10
CA LEU A 81 -16.38 -18.70 -35.47
C LEU A 81 -16.62 -18.56 -36.98
N LYS A 82 -15.98 -19.42 -37.77
CA LYS A 82 -16.25 -19.50 -39.20
C LYS A 82 -17.68 -19.95 -39.45
N LEU A 83 -18.17 -20.86 -38.61
CA LEU A 83 -19.53 -21.40 -38.73
C LEU A 83 -20.58 -20.39 -38.34
N ALA A 84 -20.40 -19.78 -37.16
CA ALA A 84 -21.35 -18.79 -36.66
C ALA A 84 -21.40 -17.57 -37.59
N ASN A 85 -20.25 -17.20 -38.15
CA ASN A 85 -20.19 -16.16 -39.15
C ASN A 85 -21.06 -16.46 -40.35
N GLU A 86 -20.99 -17.70 -40.83
CA GLU A 86 -21.81 -18.14 -41.96
C GLU A 86 -23.28 -18.39 -41.61
N GLY A 87 -23.70 -18.07 -40.39
CA GLY A 87 -25.09 -18.27 -39.97
C GLY A 87 -25.41 -19.64 -39.40
N LYS A 88 -24.47 -20.57 -39.51
CA LYS A 88 -24.68 -21.93 -39.03
C LYS A 88 -24.54 -21.99 -37.50
N VAL A 89 -25.67 -21.79 -36.80
CA VAL A 89 -25.67 -21.64 -35.35
C VAL A 89 -25.46 -22.98 -34.66
N LYS A 90 -26.42 -23.89 -34.84
CA LYS A 90 -26.36 -25.22 -34.23
C LYS A 90 -25.01 -25.92 -34.46
N GLU A 91 -24.53 -25.83 -35.70
CA GLU A 91 -23.24 -26.38 -36.08
C GLU A 91 -22.11 -25.71 -35.31
N ALA A 92 -22.21 -24.39 -35.14
CA ALA A 92 -21.25 -23.65 -34.32
C ALA A 92 -21.35 -24.08 -32.87
N GLN A 93 -22.56 -24.39 -32.40
CA GLN A 93 -22.75 -24.85 -31.02
C GLN A 93 -22.14 -26.23 -30.79
N ALA A 94 -22.32 -27.12 -31.76
CA ALA A 94 -21.77 -28.46 -31.66
C ALA A 94 -20.26 -28.36 -31.61
N ALA A 95 -19.70 -27.52 -32.48
CA ALA A 95 -18.25 -27.31 -32.53
C ALA A 95 -17.74 -26.78 -31.20
N ALA A 96 -18.57 -25.98 -30.54
CA ALA A 96 -18.27 -25.46 -29.21
C ALA A 96 -18.27 -26.58 -28.18
N GLU A 97 -19.16 -27.55 -28.33
CA GLU A 97 -19.19 -28.69 -27.43
C GLU A 97 -17.88 -29.48 -27.42
N GLN A 98 -17.32 -29.72 -28.61
CA GLN A 98 -16.10 -30.51 -28.72
C GLN A 98 -14.88 -29.81 -28.14
N LEU A 99 -14.91 -28.49 -28.03
CA LEU A 99 -13.71 -27.82 -27.51
C LEU A 99 -13.65 -27.75 -25.97
N LYS A 100 -14.77 -27.86 -25.28
CA LYS A 100 -14.75 -28.07 -23.83
C LYS A 100 -13.86 -29.27 -23.49
N THR A 101 -13.98 -30.33 -24.28
CA THR A 101 -13.20 -31.56 -24.08
C THR A 101 -11.74 -31.36 -24.45
N THR A 102 -11.50 -30.81 -25.65
CA THR A 102 -10.13 -30.52 -26.14
C THR A 102 -9.36 -29.59 -25.19
N ARG A 103 -10.08 -28.71 -24.51
CA ARG A 103 -9.51 -27.92 -23.46
C ARG A 103 -9.07 -28.85 -22.33
N ASN A 104 -10.02 -29.63 -21.81
CA ASN A 104 -9.74 -30.50 -20.66
C ASN A 104 -8.68 -31.56 -20.93
N ALA A 105 -8.70 -32.14 -22.12
CA ALA A 105 -7.77 -33.21 -22.46
C ALA A 105 -6.31 -32.77 -22.46
N TYR A 106 -6.05 -31.52 -22.82
CA TYR A 106 -4.68 -31.05 -22.96
C TYR A 106 -4.22 -30.05 -21.91
N ILE A 107 -4.95 -28.97 -21.73
CA ILE A 107 -4.49 -27.89 -20.89
C ILE A 107 -4.82 -28.09 -19.42
N GLN A 108 -5.95 -28.74 -19.13
CA GLN A 108 -6.42 -28.89 -17.74
C GLN A 108 -5.38 -29.50 -16.79
N LYS A 109 -4.52 -30.38 -17.30
CA LYS A 109 -3.48 -30.99 -16.45
C LYS A 109 -2.43 -30.00 -15.95
N TYR A 110 -2.53 -28.73 -16.32
CA TYR A 110 -1.56 -27.72 -15.91
C TYR A 110 -2.09 -26.76 -14.87
N LEU A 111 -3.39 -26.82 -14.59
CA LEU A 111 -4.03 -25.83 -13.72
C LEU A 111 -4.42 -26.43 -12.37
N GLY A 112 -4.97 -25.59 -11.49
CA GLY A 112 -5.47 -26.02 -10.20
C GLY A 112 -4.51 -25.84 -9.03
N ALA A 113 -3.21 -25.79 -9.32
CA ALA A 113 -2.21 -25.69 -8.25
C ALA A 113 -2.21 -24.30 -7.63
N ARG A 114 -1.58 -24.21 -6.46
CA ARG A 114 -1.54 -22.96 -5.70
C ARG A 114 -0.30 -22.15 -6.04
N SER A 115 -0.45 -20.83 -6.17
CA SER A 115 0.67 -19.95 -6.51
C SER A 115 1.72 -19.92 -5.41
N ALA A 116 2.99 -19.75 -5.80
CA ALA A 116 4.09 -19.75 -4.84
C ALA A 116 3.91 -18.61 -3.83
N SER A 117 3.49 -17.46 -4.33
CA SER A 117 3.07 -16.35 -3.49
C SER A 117 2.06 -16.87 -2.45
N SER A 118 0.99 -17.50 -2.94
CA SER A 118 -0.10 -17.99 -2.09
C SER A 118 0.39 -18.94 -1.01
N LEU A 119 1.29 -19.83 -1.39
CA LEU A 119 1.92 -20.72 -0.44
C LEU A 119 2.67 -19.89 0.60
N ALA A 120 3.49 -18.94 0.12
CA ALA A 120 4.25 -18.06 1.00
C ALA A 120 3.35 -17.39 2.02
N LEU A 121 2.21 -16.89 1.56
CA LEU A 121 1.23 -16.30 2.46
C LEU A 121 0.81 -17.35 3.51
N ALA A 122 0.46 -18.54 3.05
CA ALA A 122 -0.01 -19.58 3.94
C ALA A 122 1.03 -19.92 5.01
N ILE A 123 2.29 -20.04 4.59
CA ILE A 123 3.37 -20.33 5.54
C ILE A 123 3.56 -19.14 6.48
N ALA A 124 3.51 -17.93 5.91
CA ALA A 124 3.59 -16.71 6.71
C ALA A 124 2.49 -16.68 7.75
N ILE A 125 1.28 -17.04 7.37
CA ILE A 125 0.17 -17.09 8.32
C ILE A 125 0.46 -18.12 9.39
N THR A 126 0.60 -19.36 8.98
CA THR A 126 0.91 -20.46 9.89
C THR A 126 1.98 -20.06 10.90
N ALA A 127 3.01 -19.37 10.44
CA ALA A 127 4.02 -18.82 11.33
C ALA A 127 3.38 -17.94 12.39
N LEU A 128 2.85 -16.79 11.96
CA LEU A 128 2.22 -15.84 12.86
C LEU A 128 1.23 -16.52 13.79
N TYR A 129 0.38 -17.37 13.22
CA TYR A 129 -0.60 -18.11 14.02
C TYR A 129 0.13 -18.91 15.07
N SER A 130 0.97 -19.84 14.66
CA SER A 130 1.74 -20.63 15.61
C SER A 130 2.37 -19.71 16.67
N ALA A 131 2.94 -18.59 16.21
CA ALA A 131 3.59 -17.60 17.09
C ALA A 131 2.62 -16.98 18.11
N VAL A 132 1.51 -16.46 17.61
CA VAL A 132 0.46 -16.00 18.49
C VAL A 132 0.03 -17.15 19.41
N CYS A 133 -0.21 -18.31 18.80
CA CYS A 133 -0.78 -19.43 19.51
C CYS A 133 0.07 -19.90 20.67
N ALA A 134 1.38 -20.03 20.43
CA ALA A 134 2.30 -20.43 21.49
C ALA A 134 2.35 -19.42 22.65
N VAL A 135 2.20 -18.15 22.32
CA VAL A 135 2.21 -17.10 23.35
C VAL A 135 0.91 -17.04 24.12
N GLY A 136 -0.18 -16.77 23.41
CA GLY A 136 -1.47 -16.52 24.04
C GLY A 136 -1.98 -17.70 24.84
N LEU A 137 -1.86 -18.89 24.27
CA LEU A 137 -2.32 -20.09 24.93
C LEU A 137 -1.55 -20.30 26.23
N LEU A 138 -0.23 -20.20 26.14
CA LEU A 138 0.62 -20.20 27.32
C LEU A 138 0.24 -19.03 28.24
N GLY A 139 0.44 -17.81 27.74
CA GLY A 139 0.27 -16.57 28.50
C GLY A 139 -1.02 -16.40 29.27
N ASN A 140 -2.10 -16.98 28.76
CA ASN A 140 -3.39 -16.85 29.44
C ASN A 140 -3.74 -18.03 30.33
N VAL A 141 -3.17 -19.19 30.04
CA VAL A 141 -3.21 -20.30 30.99
C VAL A 141 -2.51 -19.86 32.27
N LEU A 142 -1.39 -19.16 32.13
CA LEU A 142 -0.71 -18.60 33.29
C LEU A 142 -1.61 -17.63 34.05
N VAL A 143 -2.17 -16.66 33.33
CA VAL A 143 -3.06 -15.67 33.94
C VAL A 143 -4.19 -16.38 34.68
N MET A 144 -4.81 -17.36 34.02
CA MET A 144 -5.89 -18.10 34.65
C MET A 144 -5.41 -18.92 35.82
N PHE A 145 -4.22 -19.52 35.71
CA PHE A 145 -3.66 -20.30 36.82
C PHE A 145 -3.29 -19.38 37.97
N GLY A 146 -2.63 -18.25 37.66
CA GLY A 146 -2.18 -17.30 38.67
C GLY A 146 -3.31 -16.74 39.52
N ILE A 147 -4.42 -16.37 38.87
CA ILE A 147 -5.54 -15.75 39.57
C ILE A 147 -6.20 -16.71 40.56
N VAL A 148 -6.52 -17.92 40.10
CA VAL A 148 -7.22 -18.89 40.96
C VAL A 148 -6.35 -19.35 42.11
N ARG A 149 -5.10 -19.69 41.79
CA ARG A 149 -4.20 -20.29 42.77
C ARG A 149 -3.91 -19.36 43.93
N TYR A 150 -3.47 -18.13 43.64
CA TYR A 150 -3.00 -17.22 44.68
C TYR A 150 -4.16 -16.41 45.28
N THR A 151 -4.55 -16.78 46.51
CA THR A 151 -5.66 -16.13 47.23
C THR A 151 -5.54 -14.62 47.26
N LYS A 152 -4.31 -14.12 47.18
CA LYS A 152 -4.05 -12.67 47.20
C LYS A 152 -4.51 -11.91 45.95
N MET A 153 -5.00 -12.62 44.92
CA MET A 153 -5.31 -11.96 43.64
C MET A 153 -6.79 -11.80 43.28
N LYS A 154 -7.70 -12.02 44.23
CA LYS A 154 -9.15 -11.97 43.92
C LYS A 154 -9.75 -10.54 43.95
N THR A 155 -9.39 -9.74 42.95
CA THR A 155 -9.89 -8.37 42.79
C THR A 155 -11.07 -8.37 41.84
N ALA A 156 -12.01 -7.46 42.06
CA ALA A 156 -13.20 -7.36 41.21
C ALA A 156 -12.81 -7.28 39.73
N THR A 157 -11.89 -6.37 39.43
CA THR A 157 -11.40 -6.18 38.07
C THR A 157 -10.61 -7.39 37.58
N ASN A 158 -9.81 -7.99 38.44
CA ASN A 158 -9.04 -9.18 38.07
C ASN A 158 -9.92 -10.39 37.71
N ILE A 159 -11.06 -10.51 38.38
CA ILE A 159 -12.03 -11.55 38.04
C ILE A 159 -12.57 -11.34 36.62
N TYR A 160 -12.76 -10.09 36.23
CA TYR A 160 -13.13 -9.78 34.86
C TYR A 160 -11.99 -10.15 33.92
N ILE A 161 -10.75 -9.94 34.32
CA ILE A 161 -9.62 -10.31 33.46
C ILE A 161 -9.61 -11.82 33.24
N PHE A 162 -9.78 -12.58 34.31
CA PHE A 162 -9.90 -14.03 34.18
C PHE A 162 -10.77 -14.34 32.96
N ASN A 163 -11.96 -13.74 32.95
CA ASN A 163 -12.94 -13.93 31.86
C ASN A 163 -12.33 -13.71 30.48
N LEU A 164 -11.48 -12.69 30.37
CA LEU A 164 -10.81 -12.36 29.11
C LEU A 164 -9.77 -13.41 28.76
N ALA A 165 -8.91 -13.70 29.73
CA ALA A 165 -7.88 -14.73 29.58
C ALA A 165 -8.48 -16.07 29.18
N LEU A 166 -9.70 -16.35 29.63
CA LEU A 166 -10.45 -17.54 29.23
C LEU A 166 -10.86 -17.50 27.75
N ALA A 167 -11.55 -16.43 27.37
CA ALA A 167 -12.02 -16.26 25.99
C ALA A 167 -10.86 -16.21 25.02
N ASP A 168 -9.81 -15.49 25.42
CA ASP A 168 -8.59 -15.40 24.61
C ASP A 168 -7.91 -16.79 24.48
N ALA A 169 -7.83 -17.52 25.58
CA ALA A 169 -7.21 -18.84 25.58
C ALA A 169 -7.96 -19.74 24.62
N LEU A 170 -9.26 -19.85 24.83
CA LEU A 170 -10.09 -20.65 23.95
C LEU A 170 -9.86 -20.25 22.50
N ALA A 171 -9.80 -18.95 22.26
CA ALA A 171 -9.59 -18.45 20.90
C ALA A 171 -8.30 -19.01 20.32
N THR A 172 -7.20 -18.84 21.05
CA THR A 172 -5.87 -19.25 20.58
C THR A 172 -5.66 -20.77 20.51
N SER A 173 -6.60 -21.54 21.04
CA SER A 173 -6.56 -22.99 20.88
C SER A 173 -7.04 -23.40 19.48
N THR A 174 -7.82 -22.55 18.82
CA THR A 174 -8.36 -22.90 17.48
C THR A 174 -7.36 -22.60 16.35
N LEU A 175 -6.34 -21.81 16.65
CA LEU A 175 -5.45 -21.27 15.62
C LEU A 175 -4.72 -22.32 14.78
N PRO A 176 -4.10 -23.31 15.43
CA PRO A 176 -3.37 -24.29 14.62
C PRO A 176 -4.28 -25.04 13.65
N PHE A 177 -5.55 -25.20 14.00
CA PHE A 177 -6.53 -25.81 13.12
C PHE A 177 -6.74 -24.93 11.90
N GLN A 178 -6.81 -23.62 12.13
CA GLN A 178 -6.92 -22.68 11.02
C GLN A 178 -5.64 -22.73 10.18
N SER A 179 -4.49 -22.81 10.84
CA SER A 179 -3.21 -22.92 10.15
C SER A 179 -3.16 -24.11 9.21
N ALA A 180 -3.62 -25.26 9.69
CA ALA A 180 -3.62 -26.46 8.89
C ALA A 180 -4.62 -26.34 7.76
N LYS A 181 -5.76 -25.71 8.03
CA LYS A 181 -6.73 -25.47 6.98
C LYS A 181 -6.11 -24.67 5.84
N TYR A 182 -5.32 -23.66 6.18
CA TYR A 182 -4.69 -22.81 5.17
C TYR A 182 -3.64 -23.55 4.38
N LEU A 183 -2.71 -24.23 5.07
CA LEU A 183 -1.63 -24.93 4.37
C LEU A 183 -2.16 -26.03 3.48
N MET A 184 -2.94 -26.93 4.04
CA MET A 184 -3.36 -28.06 3.24
C MET A 184 -4.62 -27.76 2.42
N GLU A 185 -5.17 -26.55 2.49
CA GLU A 185 -6.26 -26.13 1.59
C GLU A 185 -7.58 -26.89 1.81
N THR A 186 -7.75 -27.53 2.96
CA THR A 186 -8.99 -28.22 3.29
C THR A 186 -9.20 -28.29 4.80
N TRP A 187 -10.42 -28.68 5.19
CA TRP A 187 -10.78 -28.84 6.60
C TRP A 187 -10.92 -30.32 6.96
N PRO A 188 -9.87 -30.92 7.53
CA PRO A 188 -9.88 -32.34 7.82
C PRO A 188 -10.35 -32.73 9.23
N PHE A 189 -10.98 -31.81 9.96
CA PHE A 189 -11.24 -32.05 11.39
C PHE A 189 -12.68 -32.44 11.74
N GLY A 190 -13.55 -32.59 10.74
CA GLY A 190 -14.94 -32.98 11.00
C GLY A 190 -15.88 -31.85 11.41
N GLU A 191 -17.19 -32.13 11.32
CA GLU A 191 -18.21 -31.10 11.55
C GLU A 191 -18.20 -30.55 12.96
N LEU A 192 -18.14 -31.42 13.96
CA LEU A 192 -18.27 -30.98 15.34
C LEU A 192 -17.23 -29.92 15.68
N LEU A 193 -16.01 -30.16 15.24
CA LEU A 193 -14.90 -29.26 15.56
C LEU A 193 -14.95 -28.00 14.73
N CYS A 194 -15.60 -28.09 13.57
CA CYS A 194 -15.90 -26.91 12.76
C CYS A 194 -16.87 -26.01 13.51
N LYS A 195 -17.95 -26.61 13.99
CA LYS A 195 -18.91 -25.90 14.82
C LYS A 195 -18.23 -25.32 16.06
N ALA A 196 -17.34 -26.09 16.67
CA ALA A 196 -16.64 -25.62 17.86
C ALA A 196 -15.80 -24.38 17.58
N VAL A 197 -15.07 -24.40 16.47
CA VAL A 197 -14.09 -23.35 16.18
C VAL A 197 -14.74 -22.01 15.82
N LEU A 198 -15.77 -22.03 14.97
CA LEU A 198 -16.43 -20.79 14.57
C LEU A 198 -17.16 -20.13 15.74
N SER A 199 -18.03 -20.85 16.42
CA SER A 199 -18.76 -20.28 17.56
C SER A 199 -17.80 -19.75 18.65
N ILE A 200 -16.69 -20.45 18.88
CA ILE A 200 -15.63 -19.93 19.73
C ILE A 200 -15.11 -18.57 19.23
N ASP A 201 -15.01 -18.41 17.92
CA ASP A 201 -14.53 -17.15 17.35
C ASP A 201 -15.51 -16.00 17.61
N TYR A 202 -16.80 -16.31 17.65
CA TYR A 202 -17.79 -15.30 17.99
C TYR A 202 -17.83 -15.04 19.49
N TYR A 203 -17.85 -16.10 20.30
CA TYR A 203 -17.77 -15.94 21.75
C TYR A 203 -16.61 -15.02 22.11
N ASN A 204 -15.47 -15.21 21.46
CA ASN A 204 -14.29 -14.41 21.74
C ASN A 204 -14.50 -12.91 21.56
N MET A 205 -15.23 -12.52 20.53
CA MET A 205 -15.46 -11.10 20.26
C MET A 205 -16.41 -10.45 21.26
N PHE A 206 -17.55 -11.10 21.50
CA PHE A 206 -18.55 -10.54 22.40
C PHE A 206 -18.11 -10.57 23.86
N THR A 207 -17.76 -11.76 24.36
CA THR A 207 -17.41 -11.90 25.76
C THR A 207 -16.27 -10.99 26.13
N SER A 208 -15.35 -10.78 25.19
CA SER A 208 -14.29 -9.80 25.39
C SER A 208 -14.88 -8.40 25.54
N ILE A 209 -15.60 -7.95 24.53
CA ILE A 209 -16.05 -6.56 24.50
C ILE A 209 -17.11 -6.24 25.56
N PHE A 210 -17.82 -7.28 26.01
CA PHE A 210 -18.79 -7.13 27.11
C PHE A 210 -18.11 -7.05 28.45
N THR A 211 -17.10 -7.88 28.64
CA THR A 211 -16.26 -7.81 29.81
C THR A 211 -15.53 -6.47 29.87
N LEU A 212 -15.00 -6.02 28.73
CA LEU A 212 -14.32 -4.72 28.67
C LEU A 212 -15.26 -3.55 28.86
N THR A 213 -16.53 -3.72 28.54
CA THR A 213 -17.50 -2.71 28.89
C THR A 213 -17.78 -2.73 30.39
N MET A 214 -17.85 -3.92 30.98
CA MET A 214 -18.16 -4.06 32.40
C MET A 214 -16.99 -3.69 33.27
N MET A 215 -15.78 -3.95 32.81
CA MET A 215 -14.60 -3.40 33.48
C MET A 215 -14.67 -1.89 33.50
N SER A 216 -15.05 -1.30 32.36
CA SER A 216 -15.21 0.14 32.25
C SER A 216 -16.33 0.66 33.14
N VAL A 217 -17.49 0.03 33.08
CA VAL A 217 -18.54 0.36 34.03
C VAL A 217 -18.00 0.22 35.45
N ASP A 218 -17.23 -0.82 35.70
CA ASP A 218 -16.70 -1.09 37.05
C ASP A 218 -15.80 0.05 37.53
N ARG A 219 -14.84 0.46 36.72
CA ARG A 219 -13.94 1.57 37.06
C ARG A 219 -14.72 2.82 37.39
N TYR A 220 -15.77 3.04 36.61
CA TYR A 220 -16.57 4.24 36.74
C TYR A 220 -17.29 4.32 38.10
N ILE A 221 -18.05 3.29 38.45
CA ILE A 221 -18.71 3.24 39.75
C ILE A 221 -17.64 3.33 40.84
N ALA A 222 -16.50 2.68 40.61
CA ALA A 222 -15.38 2.77 41.54
C ALA A 222 -15.01 4.23 41.76
N VAL A 223 -14.75 4.95 40.66
CA VAL A 223 -14.32 6.35 40.71
C VAL A 223 -15.41 7.34 41.12
N CYS A 224 -16.47 7.39 40.33
CA CYS A 224 -17.48 8.43 40.49
C CYS A 224 -18.49 8.17 41.60
N HIS A 225 -18.63 6.91 42.03
CA HIS A 225 -19.59 6.56 43.08
C HIS A 225 -18.97 5.58 44.08
N PRO A 226 -17.94 6.03 44.82
CA PRO A 226 -17.20 5.10 45.67
C PRO A 226 -18.02 4.61 46.85
N VAL A 227 -18.90 5.45 47.36
CA VAL A 227 -19.87 5.03 48.36
C VAL A 227 -20.65 3.83 47.82
N LYS A 228 -21.49 4.08 46.81
CA LYS A 228 -22.29 3.02 46.18
C LYS A 228 -21.49 1.76 45.81
N ALA A 229 -20.25 1.95 45.36
CA ALA A 229 -19.42 0.83 44.89
C ALA A 229 -19.32 -0.31 45.89
N LEU A 230 -19.04 0.01 47.14
CA LEU A 230 -18.85 -0.99 48.20
C LEU A 230 -19.92 -2.09 48.20
N ASP A 231 -21.13 -1.71 47.83
CA ASP A 231 -22.24 -2.65 47.71
C ASP A 231 -22.15 -3.53 46.43
N PHE A 232 -21.83 -2.92 45.28
CA PHE A 232 -21.81 -3.68 44.00
C PHE A 232 -20.44 -4.21 43.53
N ARG A 233 -19.35 -3.79 44.15
CA ARG A 233 -18.01 -4.09 43.64
C ARG A 233 -17.40 -5.33 44.32
N THR A 234 -18.17 -6.40 44.50
CA THR A 234 -17.63 -7.61 45.14
C THR A 234 -17.25 -8.67 44.10
N PRO A 235 -16.41 -9.65 44.50
CA PRO A 235 -15.96 -10.67 43.55
C PRO A 235 -17.06 -11.66 43.17
N ALA A 236 -17.79 -12.18 44.17
CA ALA A 236 -18.92 -13.07 43.92
C ALA A 236 -19.82 -12.51 42.83
N LYS A 237 -20.05 -11.20 42.88
CA LYS A 237 -20.90 -10.54 41.91
C LYS A 237 -20.23 -10.46 40.53
N ALA A 238 -18.93 -10.16 40.50
CA ALA A 238 -18.19 -10.15 39.25
C ALA A 238 -18.29 -11.51 38.55
N LYS A 239 -18.12 -12.58 39.31
CA LYS A 239 -18.32 -13.93 38.78
C LYS A 239 -19.70 -14.04 38.14
N LEU A 240 -20.73 -13.57 38.85
CA LEU A 240 -22.10 -13.57 38.31
C LEU A 240 -22.19 -12.84 36.96
N ILE A 241 -21.59 -11.65 36.89
CA ILE A 241 -21.61 -10.85 35.66
C ILE A 241 -20.81 -11.57 34.55
N ASN A 242 -19.70 -12.19 34.92
CA ASN A 242 -19.00 -13.04 33.97
C ASN A 242 -19.91 -14.12 33.37
N ILE A 243 -20.66 -14.80 34.22
CA ILE A 243 -21.54 -15.82 33.73
C ILE A 243 -22.64 -15.18 32.89
N CYS A 244 -23.13 -14.01 33.30
CA CYS A 244 -24.14 -13.31 32.52
C CYS A 244 -23.58 -12.97 31.15
N ILE A 245 -22.39 -12.38 31.14
CA ILE A 245 -21.70 -12.07 29.89
C ILE A 245 -21.67 -13.26 28.92
N TRP A 246 -21.45 -14.46 29.46
CA TRP A 246 -21.40 -15.67 28.66
C TRP A 246 -22.77 -16.11 28.18
N VAL A 247 -23.75 -16.09 29.08
CA VAL A 247 -25.13 -16.47 28.71
C VAL A 247 -25.67 -15.52 27.66
N LEU A 248 -25.52 -14.23 27.93
CA LEU A 248 -25.93 -13.22 26.98
C LEU A 248 -25.22 -13.42 25.63
N ALA A 249 -23.90 -13.51 25.66
CA ALA A 249 -23.15 -13.79 24.44
C ALA A 249 -23.72 -15.00 23.68
N SER A 250 -24.18 -16.02 24.42
CA SER A 250 -24.81 -17.23 23.83
C SER A 250 -26.06 -16.94 23.02
N GLY A 251 -26.68 -15.78 23.24
CA GLY A 251 -27.67 -15.25 22.33
C GLY A 251 -27.16 -15.10 20.90
N VAL A 252 -25.84 -14.99 20.73
CA VAL A 252 -25.23 -14.96 19.39
C VAL A 252 -24.40 -16.22 19.10
N GLY A 253 -23.88 -16.84 20.16
CA GLY A 253 -22.92 -17.93 20.01
C GLY A 253 -23.54 -19.28 19.68
N VAL A 254 -24.67 -19.57 20.32
CA VAL A 254 -25.39 -20.82 20.10
C VAL A 254 -26.02 -20.89 18.69
N PRO A 255 -26.70 -19.82 18.27
CA PRO A 255 -27.23 -19.89 16.90
C PRO A 255 -26.16 -20.18 15.83
N ILE A 256 -24.94 -19.67 16.03
CA ILE A 256 -23.84 -19.97 15.14
C ILE A 256 -23.43 -21.43 15.31
N MET A 257 -23.44 -21.90 16.55
CA MET A 257 -23.14 -23.29 16.89
C MET A 257 -23.93 -24.23 16.00
N VAL A 258 -25.22 -23.97 15.89
CA VAL A 258 -26.09 -24.75 15.03
C VAL A 258 -25.84 -24.44 13.56
N MET A 259 -25.80 -23.16 13.23
CA MET A 259 -25.70 -22.73 11.83
C MET A 259 -24.41 -23.12 11.13
N ALA A 260 -23.33 -23.22 11.89
CA ALA A 260 -22.04 -23.58 11.32
C ALA A 260 -22.07 -25.04 10.90
N VAL A 261 -21.48 -25.36 9.75
CA VAL A 261 -21.47 -26.72 9.21
C VAL A 261 -20.29 -26.98 8.27
N THR A 262 -20.08 -28.25 7.95
CA THR A 262 -18.99 -28.69 7.09
C THR A 262 -19.63 -29.29 5.82
N ARG A 263 -19.16 -28.85 4.66
CA ARG A 263 -19.70 -29.31 3.37
C ARG A 263 -18.54 -29.46 2.37
N PRO A 264 -18.62 -30.42 1.41
CA PRO A 264 -17.61 -30.44 0.37
C PRO A 264 -17.94 -29.42 -0.71
N ARG A 265 -16.91 -28.76 -1.25
CA ARG A 265 -17.09 -27.76 -2.29
C ARG A 265 -15.88 -27.74 -3.22
N ASP A 266 -16.11 -28.01 -4.51
CA ASP A 266 -15.08 -27.87 -5.51
C ASP A 266 -13.75 -28.50 -5.09
N GLY A 267 -13.81 -29.77 -4.70
CA GLY A 267 -12.60 -30.57 -4.49
C GLY A 267 -12.11 -30.64 -3.06
N ALA A 268 -12.66 -29.81 -2.19
CA ALA A 268 -12.23 -29.75 -0.80
C ALA A 268 -13.42 -29.79 0.16
N VAL A 269 -13.10 -29.84 1.45
CA VAL A 269 -14.10 -29.75 2.50
C VAL A 269 -13.89 -28.41 3.20
N VAL A 270 -14.97 -27.65 3.33
CA VAL A 270 -14.90 -26.29 3.87
C VAL A 270 -15.90 -26.09 5.01
N CYS A 271 -15.42 -25.44 6.07
CA CYS A 271 -16.23 -25.13 7.26
C CYS A 271 -16.84 -23.74 7.03
N MET A 272 -18.11 -23.56 7.38
CA MET A 272 -18.81 -22.32 7.05
C MET A 272 -20.18 -22.15 7.69
N LEU A 273 -20.70 -20.93 7.60
CA LEU A 273 -22.02 -20.58 8.14
C LEU A 273 -23.10 -20.76 7.09
N GLN A 274 -24.27 -21.17 7.57
CA GLN A 274 -25.43 -21.45 6.72
C GLN A 274 -26.63 -20.62 7.18
N PHE A 275 -26.73 -19.39 6.67
CA PHE A 275 -27.83 -18.51 7.05
C PHE A 275 -29.11 -18.92 6.31
N PRO A 276 -30.25 -19.04 7.04
CA PRO A 276 -31.53 -19.30 6.38
C PRO A 276 -31.77 -18.31 5.24
N SER A 277 -32.21 -18.83 4.09
CA SER A 277 -32.35 -18.01 2.88
C SER A 277 -33.24 -16.79 3.16
N PRO A 278 -32.81 -15.60 2.67
CA PRO A 278 -31.61 -15.34 1.88
C PRO A 278 -30.35 -15.24 2.74
N SER A 279 -29.35 -16.04 2.39
CA SER A 279 -28.11 -16.08 3.15
C SER A 279 -27.38 -14.75 3.02
N TRP A 280 -27.17 -14.26 1.80
CA TRP A 280 -26.37 -13.05 1.61
C TRP A 280 -26.97 -11.89 2.39
N TYR A 281 -28.29 -11.91 2.63
CA TYR A 281 -28.93 -10.87 3.41
C TYR A 281 -28.72 -11.07 4.92
N TRP A 282 -29.17 -12.21 5.43
CA TRP A 282 -28.97 -12.55 6.85
C TRP A 282 -27.51 -12.48 7.25
N ASP A 283 -26.62 -12.83 6.31
CA ASP A 283 -25.18 -12.71 6.55
C ASP A 283 -24.79 -11.27 6.84
N THR A 284 -25.26 -10.36 5.99
CA THR A 284 -25.04 -8.94 6.22
C THR A 284 -25.67 -8.53 7.56
N VAL A 285 -26.92 -8.95 7.79
CA VAL A 285 -27.61 -8.60 9.03
C VAL A 285 -26.67 -8.83 10.21
N THR A 286 -26.19 -10.05 10.33
CA THR A 286 -25.30 -10.43 11.40
C THR A 286 -24.03 -9.58 11.40
N LYS A 287 -23.45 -9.39 10.22
CA LYS A 287 -22.22 -8.61 10.07
C LYS A 287 -22.37 -7.15 10.51
N ILE A 288 -23.57 -6.61 10.40
CA ILE A 288 -23.85 -5.28 10.90
C ILE A 288 -23.97 -5.33 12.42
N CYS A 289 -24.76 -6.27 12.93
CA CYS A 289 -25.00 -6.39 14.37
C CYS A 289 -23.70 -6.59 15.15
N VAL A 290 -22.84 -7.45 14.62
CA VAL A 290 -21.53 -7.66 15.21
C VAL A 290 -20.73 -6.35 15.24
N PHE A 291 -20.88 -5.50 14.22
CA PHE A 291 -20.20 -4.20 14.20
C PHE A 291 -20.84 -3.21 15.18
N LEU A 292 -22.15 -3.27 15.36
CA LEU A 292 -22.80 -2.40 16.33
C LEU A 292 -22.64 -2.91 17.74
N PHE A 293 -23.18 -4.09 17.98
CA PHE A 293 -23.42 -4.59 19.33
C PHE A 293 -22.19 -5.24 19.94
N ALA A 294 -21.18 -5.53 19.14
CA ALA A 294 -19.90 -6.01 19.68
C ALA A 294 -18.76 -5.04 19.38
N PHE A 295 -19.09 -3.82 18.92
CA PHE A 295 -18.05 -2.83 18.66
C PHE A 295 -18.48 -1.39 18.99
N VAL A 296 -19.21 -0.72 18.09
CA VAL A 296 -19.46 0.71 18.28
C VAL A 296 -20.29 0.95 19.56
N VAL A 297 -21.37 0.21 19.72
CA VAL A 297 -22.30 0.44 20.84
C VAL A 297 -21.65 0.20 22.21
N PRO A 298 -20.94 -0.93 22.37
CA PRO A 298 -20.14 -1.08 23.58
C PRO A 298 -19.04 -0.01 23.71
N ILE A 299 -18.44 0.39 22.59
CA ILE A 299 -17.43 1.45 22.63
C ILE A 299 -18.03 2.74 23.17
N LEU A 300 -19.16 3.16 22.61
CA LEU A 300 -19.78 4.40 23.05
C LEU A 300 -20.00 4.38 24.56
N ILE A 301 -20.44 3.24 25.07
CA ILE A 301 -20.60 3.05 26.53
C ILE A 301 -19.27 3.28 27.26
N ILE A 302 -18.20 2.68 26.75
CA ILE A 302 -16.89 2.80 27.36
C ILE A 302 -16.42 4.25 27.34
N THR A 303 -16.58 4.91 26.19
CA THR A 303 -16.18 6.31 26.01
C THR A 303 -16.93 7.22 26.96
N VAL A 304 -18.23 7.03 27.06
CA VAL A 304 -19.03 7.68 28.10
C VAL A 304 -18.40 7.41 29.49
N CYS A 305 -18.36 6.14 29.90
CA CYS A 305 -17.74 5.74 31.17
C CYS A 305 -16.44 6.50 31.42
N TYR A 306 -15.59 6.54 30.40
CA TYR A 306 -14.29 7.20 30.50
C TYR A 306 -14.37 8.73 30.45
N GLY A 307 -15.25 9.26 29.62
CA GLY A 307 -15.50 10.69 29.60
C GLY A 307 -15.82 11.20 31.00
N LEU A 308 -16.78 10.57 31.66
CA LEU A 308 -17.27 11.00 32.97
C LEU A 308 -16.20 10.99 34.04
N MET A 309 -15.29 10.03 33.97
CA MET A 309 -14.24 9.90 34.98
C MET A 309 -13.17 10.99 34.91
N LEU A 310 -13.22 11.82 33.88
CA LEU A 310 -12.34 12.99 33.78
C LEU A 310 -12.48 13.95 34.97
N LEU A 311 -13.62 13.87 35.68
CA LEU A 311 -13.73 14.46 37.02
C LEU A 311 -12.48 14.24 37.86
N GLY A 321 -10.31 7.47 49.71
CA GLY A 321 -9.16 8.24 49.30
C GLY A 321 -8.05 8.23 50.35
N SER A 322 -6.86 7.80 49.94
CA SER A 322 -5.65 7.85 50.77
C SER A 322 -4.40 7.89 49.88
N LYS A 323 -3.21 7.77 50.49
CA LYS A 323 -1.95 7.93 49.76
C LYS A 323 -1.78 6.87 48.66
N GLU A 324 -1.66 5.61 49.06
CA GLU A 324 -1.40 4.49 48.13
C GLU A 324 -2.66 4.02 47.38
N LYS A 325 -3.84 4.27 47.94
CA LYS A 325 -5.11 3.87 47.31
C LYS A 325 -5.46 4.75 46.10
N ASP A 326 -5.15 6.05 46.18
CA ASP A 326 -5.41 6.98 45.08
C ASP A 326 -4.44 6.71 43.93
N ARG A 327 -3.17 6.46 44.26
CA ARG A 327 -2.17 6.05 43.28
C ARG A 327 -2.56 4.71 42.64
N SER A 328 -3.04 3.78 43.45
CA SER A 328 -3.46 2.44 43.01
C SER A 328 -4.64 2.44 42.03
N LEU A 329 -5.71 3.16 42.39
CA LEU A 329 -6.85 3.32 41.50
C LEU A 329 -6.39 3.80 40.14
N ARG A 330 -5.57 4.86 40.13
CA ARG A 330 -5.01 5.43 38.90
C ARG A 330 -4.30 4.38 38.06
N ARG A 331 -3.41 3.61 38.68
CA ARG A 331 -2.61 2.60 37.97
C ARG A 331 -3.50 1.53 37.36
N ILE A 332 -4.45 1.03 38.15
CA ILE A 332 -5.36 -0.01 37.69
C ILE A 332 -6.33 0.54 36.65
N THR A 333 -6.88 1.72 36.91
CA THR A 333 -7.74 2.39 35.92
C THR A 333 -6.99 2.60 34.61
N ARG A 334 -5.76 3.10 34.69
CA ARG A 334 -4.96 3.36 33.49
C ARG A 334 -4.64 2.06 32.76
N MET A 335 -4.53 0.95 33.50
CA MET A 335 -4.34 -0.36 32.88
C MET A 335 -5.51 -0.69 31.94
N VAL A 336 -6.74 -0.55 32.43
CA VAL A 336 -7.94 -0.91 31.65
C VAL A 336 -8.07 -0.11 30.37
N LEU A 337 -7.73 1.16 30.41
CA LEU A 337 -7.80 2.03 29.24
C LEU A 337 -6.86 1.55 28.14
N VAL A 338 -5.69 1.08 28.56
CA VAL A 338 -4.69 0.58 27.62
C VAL A 338 -5.19 -0.71 26.98
N VAL A 339 -5.61 -1.67 27.79
CA VAL A 339 -6.16 -2.93 27.28
C VAL A 339 -7.38 -2.69 26.39
N VAL A 340 -8.24 -1.76 26.81
CA VAL A 340 -9.35 -1.29 25.99
C VAL A 340 -8.84 -0.73 24.67
N GLY A 341 -7.89 0.19 24.75
CA GLY A 341 -7.31 0.80 23.57
C GLY A 341 -6.59 -0.22 22.70
N ALA A 342 -5.72 -1.00 23.34
CA ALA A 342 -4.98 -2.08 22.68
C ALA A 342 -5.94 -3.03 21.97
N PHE A 343 -7.02 -3.37 22.64
CA PHE A 343 -8.08 -4.11 22.01
C PHE A 343 -8.54 -3.40 20.75
N VAL A 344 -8.99 -2.16 20.89
CA VAL A 344 -9.54 -1.42 19.76
C VAL A 344 -8.61 -1.43 18.56
N VAL A 345 -7.36 -1.02 18.76
CA VAL A 345 -6.41 -0.94 17.65
C VAL A 345 -6.18 -2.31 16.98
N CYS A 346 -6.27 -3.41 17.74
CA CYS A 346 -6.15 -4.75 17.15
C CYS A 346 -7.35 -5.11 16.27
N TRP A 347 -8.54 -4.74 16.71
CA TRP A 347 -9.77 -5.14 16.04
C TRP A 347 -10.34 -4.07 15.12
N ALA A 348 -9.99 -2.81 15.35
CA ALA A 348 -10.48 -1.71 14.52
C ALA A 348 -10.16 -1.93 13.03
N PRO A 349 -8.93 -2.38 12.72
CA PRO A 349 -8.56 -2.69 11.34
C PRO A 349 -9.46 -3.70 10.67
N ILE A 350 -9.62 -4.88 11.28
CA ILE A 350 -10.41 -5.96 10.69
C ILE A 350 -11.92 -5.69 10.69
N HIS A 351 -12.43 -4.99 11.69
CA HIS A 351 -13.85 -4.68 11.72
C HIS A 351 -14.24 -3.70 10.62
N ILE A 352 -13.31 -2.81 10.30
CA ILE A 352 -13.49 -1.91 9.18
C ILE A 352 -13.43 -2.72 7.90
N PHE A 353 -12.32 -3.45 7.71
CA PHE A 353 -12.11 -4.23 6.50
C PHE A 353 -13.35 -5.08 6.13
N VAL A 354 -13.90 -5.80 7.10
CA VAL A 354 -15.05 -6.68 6.84
C VAL A 354 -16.30 -5.93 6.42
N ILE A 355 -16.46 -4.69 6.89
CA ILE A 355 -17.65 -3.91 6.55
C ILE A 355 -17.48 -3.31 5.15
N VAL A 356 -16.24 -2.99 4.79
CA VAL A 356 -15.91 -2.61 3.43
C VAL A 356 -16.14 -3.82 2.54
N TRP A 357 -15.46 -4.92 2.87
CA TRP A 357 -15.54 -6.18 2.13
C TRP A 357 -16.97 -6.61 1.79
N THR A 358 -17.92 -6.35 2.68
CA THR A 358 -19.28 -6.84 2.50
C THR A 358 -20.26 -5.71 2.16
N LEU A 359 -19.74 -4.59 1.69
CA LEU A 359 -20.60 -3.49 1.24
C LEU A 359 -20.01 -2.76 0.04
N VAL A 360 -18.74 -2.39 0.11
CA VAL A 360 -18.03 -1.78 -1.00
C VAL A 360 -17.31 -2.84 -1.84
N ASP A 361 -17.74 -3.00 -3.09
CA ASP A 361 -17.17 -4.00 -3.99
C ASP A 361 -15.80 -3.58 -4.52
N ILE A 362 -14.77 -3.86 -3.72
CA ILE A 362 -13.37 -3.64 -4.12
C ILE A 362 -12.86 -4.85 -4.91
N ASP A 363 -11.57 -4.87 -5.24
CA ASP A 363 -10.95 -6.05 -5.88
C ASP A 363 -10.43 -7.06 -4.85
N ARG A 364 -11.07 -8.22 -4.79
CA ARG A 364 -10.88 -9.15 -3.67
C ARG A 364 -9.85 -10.25 -3.88
N ARG A 365 -9.22 -10.30 -5.07
CA ARG A 365 -8.20 -11.32 -5.36
C ARG A 365 -6.78 -10.77 -5.50
N ASP A 366 -6.57 -9.48 -5.23
CA ASP A 366 -5.24 -8.89 -5.33
C ASP A 366 -4.30 -9.40 -4.23
N PRO A 367 -3.02 -9.61 -4.55
CA PRO A 367 -2.00 -9.96 -3.55
C PRO A 367 -1.97 -9.00 -2.34
N LEU A 368 -1.77 -7.71 -2.60
CA LEU A 368 -1.67 -6.72 -1.53
C LEU A 368 -2.96 -6.58 -0.72
N VAL A 369 -4.10 -6.87 -1.33
CA VAL A 369 -5.39 -6.77 -0.65
C VAL A 369 -5.62 -7.96 0.29
N VAL A 370 -5.62 -9.15 -0.29
CA VAL A 370 -5.86 -10.39 0.46
C VAL A 370 -4.86 -10.51 1.60
N ALA A 371 -3.58 -10.37 1.26
CA ALA A 371 -2.53 -10.37 2.27
C ALA A 371 -2.88 -9.42 3.41
N ALA A 372 -3.11 -8.15 3.09
CA ALA A 372 -3.41 -7.12 4.09
C ALA A 372 -4.58 -7.51 4.98
N LEU A 373 -5.62 -8.04 4.37
CA LEU A 373 -6.74 -8.58 5.11
C LEU A 373 -6.24 -9.66 6.07
N HIS A 374 -5.70 -10.75 5.52
CA HIS A 374 -5.17 -11.85 6.35
C HIS A 374 -4.16 -11.34 7.37
N LEU A 375 -3.30 -10.40 6.95
CA LEU A 375 -2.24 -9.88 7.80
C LEU A 375 -2.77 -8.96 8.87
N CYS A 376 -4.06 -8.62 8.82
CA CYS A 376 -4.69 -7.87 9.91
C CYS A 376 -5.90 -8.58 10.57
N ILE A 377 -6.33 -9.71 10.02
CA ILE A 377 -7.10 -10.69 10.79
C ILE A 377 -6.13 -11.19 11.85
N ALA A 378 -4.92 -11.52 11.41
CA ALA A 378 -3.83 -11.94 12.28
C ALA A 378 -3.63 -10.98 13.46
N LEU A 379 -3.77 -9.68 13.20
CA LEU A 379 -3.70 -8.68 14.26
C LEU A 379 -4.83 -8.86 15.29
N GLY A 380 -6.03 -9.13 14.79
CA GLY A 380 -7.15 -9.46 15.67
C GLY A 380 -6.77 -10.53 16.68
N TYR A 381 -6.33 -11.68 16.16
CA TYR A 381 -5.90 -12.79 17.01
C TYR A 381 -4.64 -12.48 17.83
N ALA A 382 -3.81 -11.56 17.36
CA ALA A 382 -2.63 -11.14 18.13
C ALA A 382 -3.03 -10.43 19.42
N ASN A 383 -4.24 -9.88 19.46
CA ASN A 383 -4.78 -9.27 20.67
C ASN A 383 -4.75 -10.24 21.84
N SER A 384 -5.01 -11.51 21.57
CA SER A 384 -5.03 -12.55 22.62
C SER A 384 -3.64 -12.89 23.20
N SER A 385 -2.60 -12.76 22.41
CA SER A 385 -1.24 -12.99 22.90
C SER A 385 -0.66 -11.72 23.56
N LEU A 386 -1.17 -10.56 23.15
CA LEU A 386 -0.77 -9.28 23.70
C LEU A 386 -1.25 -9.09 25.14
N ASN A 387 -2.53 -9.33 25.37
CA ASN A 387 -3.13 -9.21 26.69
C ASN A 387 -2.24 -9.64 27.84
N PRO A 388 -1.88 -10.92 27.90
CA PRO A 388 -1.19 -11.39 29.11
C PRO A 388 0.12 -10.63 29.35
N VAL A 389 0.76 -10.17 28.28
CA VAL A 389 1.95 -9.34 28.39
C VAL A 389 1.60 -8.00 29.06
N LEU A 390 0.56 -7.34 28.55
CA LEU A 390 0.11 -6.05 29.10
C LEU A 390 -0.27 -6.17 30.58
N TYR A 391 -0.88 -7.29 30.95
CA TYR A 391 -1.21 -7.53 32.35
C TYR A 391 0.07 -7.58 33.18
N ALA A 392 1.04 -8.38 32.73
CA ALA A 392 2.28 -8.58 33.48
C ALA A 392 3.32 -7.49 33.26
N PHE A 393 3.00 -6.46 32.48
CA PHE A 393 3.87 -5.30 32.42
C PHE A 393 3.22 -4.01 32.96
N LEU A 394 1.89 -4.00 33.16
CA LEU A 394 1.17 -2.87 33.75
C LEU A 394 0.54 -3.14 35.12
N ASP A 395 0.49 -4.40 35.53
CA ASP A 395 0.09 -4.74 36.88
C ASP A 395 1.35 -5.30 37.54
N GLU A 396 1.63 -4.82 38.74
CA GLU A 396 2.87 -5.18 39.41
C GLU A 396 2.77 -6.61 39.93
N ASN A 397 1.63 -6.93 40.55
CA ASN A 397 1.36 -8.27 41.05
C ASN A 397 1.43 -9.34 39.95
N PHE A 398 0.99 -9.00 38.74
CA PHE A 398 1.17 -9.89 37.60
C PHE A 398 2.62 -9.93 37.14
N LYS A 399 3.26 -8.75 37.06
CA LYS A 399 4.68 -8.66 36.69
C LYS A 399 5.56 -9.53 37.58
N ARG A 400 5.32 -9.47 38.88
CA ARG A 400 6.03 -10.28 39.86
C ARG A 400 5.81 -11.77 39.62
N CYS A 401 4.55 -12.20 39.59
CA CYS A 401 4.21 -13.62 39.43
C CYS A 401 4.84 -14.29 38.22
N PHE A 402 4.90 -13.58 37.10
CA PHE A 402 5.38 -14.15 35.84
C PHE A 402 6.89 -14.37 35.80
N ARG A 403 7.63 -13.49 36.48
CA ARG A 403 9.08 -13.64 36.59
C ARG A 403 9.45 -14.38 37.89
N GLN A 404 8.45 -14.61 38.75
CA GLN A 404 8.62 -15.45 39.95
C GLN A 404 8.65 -16.93 39.56
N LEU A 405 7.63 -17.37 38.84
CA LEU A 405 7.59 -18.73 38.29
C LEU A 405 8.95 -19.09 37.66
N CYS A 406 9.37 -18.30 36.69
CA CYS A 406 10.69 -18.44 36.08
C CYS A 406 11.00 -17.26 35.17
N ASP B 7 -6.47 1.07 -16.54
CA ASP B 7 -6.46 2.32 -17.36
C ASP B 7 -7.23 2.17 -18.68
N LEU B 8 -8.07 3.17 -18.95
CA LEU B 8 -8.68 3.34 -20.26
C LEU B 8 -7.62 3.76 -21.26
N GLU B 9 -6.82 4.77 -20.92
CA GLU B 9 -5.71 5.19 -21.77
C GLU B 9 -4.77 4.02 -22.10
N ASP B 10 -4.66 3.07 -21.15
CA ASP B 10 -3.99 1.79 -21.41
C ASP B 10 -4.64 1.01 -22.55
N ASN B 11 -5.98 0.88 -22.52
CA ASN B 11 -6.74 0.21 -23.59
C ASN B 11 -6.64 0.95 -24.93
N TRP B 12 -6.86 2.27 -24.89
CA TRP B 12 -6.64 3.12 -26.05
C TRP B 12 -5.22 2.95 -26.59
N GLU B 13 -4.27 2.71 -25.70
CA GLU B 13 -2.88 2.42 -26.10
C GLU B 13 -2.77 1.15 -26.95
N THR B 14 -3.41 0.06 -26.52
CA THR B 14 -3.31 -1.23 -27.21
C THR B 14 -4.09 -1.30 -28.52
N LEU B 15 -5.13 -0.49 -28.67
CA LEU B 15 -5.79 -0.33 -29.97
C LEU B 15 -4.80 0.23 -30.98
N ASN B 16 -4.25 1.41 -30.68
CA ASN B 16 -3.31 2.08 -31.56
C ASN B 16 -2.14 1.20 -31.96
N ASP B 17 -1.62 0.44 -31.00
CA ASP B 17 -0.43 -0.34 -31.22
C ASP B 17 -0.74 -1.52 -32.14
N ASN B 18 -1.80 -2.26 -31.81
CA ASN B 18 -2.23 -3.39 -32.63
C ASN B 18 -2.64 -2.98 -34.04
N LEU B 19 -3.22 -1.79 -34.16
CA LEU B 19 -3.56 -1.27 -35.47
C LEU B 19 -2.36 -1.28 -36.40
N LYS B 20 -1.21 -0.78 -35.92
CA LYS B 20 -0.02 -0.66 -36.76
C LYS B 20 0.78 -1.95 -36.88
N VAL B 21 0.44 -2.93 -36.06
CA VAL B 21 0.94 -4.30 -36.22
C VAL B 21 0.27 -4.95 -37.43
N ILE B 22 -1.01 -4.65 -37.60
CA ILE B 22 -1.78 -5.10 -38.76
C ILE B 22 -1.26 -4.42 -40.03
N GLU B 23 -0.91 -3.14 -39.91
CA GLU B 23 -0.36 -2.36 -41.03
C GLU B 23 1.05 -2.79 -41.41
N LYS B 24 1.74 -3.51 -40.53
CA LYS B 24 3.08 -4.03 -40.82
C LYS B 24 3.07 -5.55 -40.90
N ALA B 25 1.89 -6.16 -40.94
CA ALA B 25 1.78 -7.62 -40.89
C ALA B 25 2.08 -8.27 -42.23
N ASP B 26 2.27 -9.59 -42.22
CA ASP B 26 2.57 -10.34 -43.45
C ASP B 26 1.61 -11.51 -43.70
N ASN B 27 0.65 -11.73 -42.81
CA ASN B 27 -0.16 -12.95 -42.85
C ASN B 27 -1.44 -12.85 -42.01
N ALA B 28 -2.32 -13.82 -42.21
CA ALA B 28 -3.66 -13.78 -41.61
C ALA B 28 -3.67 -14.00 -40.11
N ALA B 29 -2.83 -14.91 -39.61
CA ALA B 29 -2.82 -15.27 -38.19
C ALA B 29 -2.43 -14.08 -37.32
N GLN B 30 -1.36 -13.43 -37.74
CA GLN B 30 -0.78 -12.30 -37.05
C GLN B 30 -1.73 -11.08 -37.05
N VAL B 31 -2.43 -10.88 -38.18
CA VAL B 31 -3.49 -9.87 -38.26
C VAL B 31 -4.64 -10.20 -37.32
N LYS B 32 -5.06 -11.47 -37.37
CA LYS B 32 -6.20 -11.95 -36.58
C LYS B 32 -5.99 -11.70 -35.10
N ASP B 33 -4.86 -12.22 -34.63
CA ASP B 33 -4.45 -12.08 -33.22
C ASP B 33 -4.56 -10.62 -32.79
N ALA B 34 -3.99 -9.72 -33.58
CA ALA B 34 -4.05 -8.28 -33.29
C ALA B 34 -5.48 -7.78 -33.12
N LEU B 35 -6.35 -8.14 -34.07
CA LEU B 35 -7.76 -7.74 -34.01
C LEU B 35 -8.36 -8.19 -32.69
N THR B 36 -8.14 -9.45 -32.37
CA THR B 36 -8.75 -10.10 -31.21
C THR B 36 -8.36 -9.39 -29.91
N LYS B 37 -7.16 -8.83 -29.89
CA LYS B 37 -6.71 -8.05 -28.75
C LYS B 37 -7.48 -6.74 -28.67
N MET B 38 -7.63 -6.07 -29.81
CA MET B 38 -8.31 -4.79 -29.88
C MET B 38 -9.76 -4.87 -29.45
N ARG B 39 -10.41 -5.97 -29.82
CA ARG B 39 -11.81 -6.16 -29.46
C ARG B 39 -11.96 -6.26 -27.97
N ALA B 40 -11.04 -6.97 -27.32
CA ALA B 40 -11.03 -7.07 -25.87
C ALA B 40 -10.81 -5.69 -25.25
N ALA B 41 -9.83 -4.98 -25.80
CA ALA B 41 -9.50 -3.63 -25.34
C ALA B 41 -10.71 -2.70 -25.43
N ALA B 42 -11.39 -2.73 -26.57
CA ALA B 42 -12.56 -1.89 -26.82
C ALA B 42 -13.79 -2.20 -25.93
N LEU B 43 -13.90 -3.43 -25.45
CA LEU B 43 -14.99 -3.82 -24.55
C LEU B 43 -14.73 -3.44 -23.10
N ASP B 44 -13.49 -3.58 -22.64
CA ASP B 44 -13.13 -3.16 -21.28
C ASP B 44 -13.05 -1.63 -21.23
N ALA B 45 -12.81 -0.99 -22.38
CA ALA B 45 -12.87 0.46 -22.48
C ALA B 45 -14.31 0.94 -22.42
N GLN B 46 -15.20 0.23 -23.09
CA GLN B 46 -16.60 0.61 -23.10
C GLN B 46 -17.18 0.61 -21.68
N LYS B 47 -16.71 -0.34 -20.87
CA LYS B 47 -17.19 -0.48 -19.49
C LYS B 47 -16.80 0.74 -18.66
N ALA B 48 -15.70 1.38 -19.03
CA ALA B 48 -15.12 2.46 -18.24
C ALA B 48 -15.76 3.82 -18.46
N THR B 49 -15.82 4.61 -17.39
CA THR B 49 -16.24 6.01 -17.47
C THR B 49 -15.00 6.91 -17.57
N PRO B 50 -14.97 7.84 -18.55
CA PRO B 50 -13.83 8.73 -18.80
C PRO B 50 -13.97 10.10 -18.10
N PRO B 51 -12.85 10.86 -17.99
CA PRO B 51 -12.81 12.05 -17.13
C PRO B 51 -13.75 13.20 -17.57
N LYS B 52 -13.81 13.48 -18.87
CA LYS B 52 -14.73 14.50 -19.37
C LYS B 52 -16.15 14.24 -18.87
N LEU B 53 -16.47 12.97 -18.64
CA LEU B 53 -17.75 12.56 -18.07
C LEU B 53 -17.56 12.19 -16.60
N GLU B 54 -16.83 13.03 -15.87
CA GLU B 54 -16.38 12.77 -14.49
C GLU B 54 -17.30 11.86 -13.66
N ASP B 55 -18.49 12.34 -13.35
CA ASP B 55 -19.50 11.49 -12.70
C ASP B 55 -20.92 11.90 -13.11
N LYS B 56 -21.16 11.86 -14.42
CA LYS B 56 -22.49 12.08 -14.95
C LYS B 56 -23.38 10.89 -14.63
N SER B 57 -24.67 11.06 -14.92
CA SER B 57 -25.64 9.98 -14.82
C SER B 57 -25.14 8.80 -15.66
N PRO B 58 -25.05 7.61 -15.05
CA PRO B 58 -24.70 6.43 -15.84
C PRO B 58 -25.60 6.16 -17.05
N ASP B 59 -26.66 6.95 -17.24
CA ASP B 59 -27.43 6.89 -18.47
C ASP B 59 -27.73 8.29 -19.01
N SER B 60 -26.76 9.18 -18.93
CA SER B 60 -26.87 10.49 -19.55
C SER B 60 -26.73 10.33 -21.06
N PRO B 61 -27.21 11.32 -21.83
CA PRO B 61 -27.07 11.28 -23.30
C PRO B 61 -25.63 11.10 -23.74
N GLU B 62 -24.75 11.87 -23.12
CA GLU B 62 -23.33 11.90 -23.47
C GLU B 62 -22.68 10.56 -23.12
N MET B 63 -23.12 9.97 -22.01
CA MET B 63 -22.64 8.66 -21.57
C MET B 63 -23.17 7.55 -22.49
N LYS B 64 -24.48 7.61 -22.79
CA LYS B 64 -25.07 6.69 -23.75
C LYS B 64 -24.33 6.79 -25.09
N ASP B 65 -23.98 8.01 -25.48
CA ASP B 65 -23.31 8.29 -26.77
C ASP B 65 -21.85 7.82 -26.84
N PHE B 66 -21.12 8.01 -25.74
CA PHE B 66 -19.76 7.48 -25.63
C PHE B 66 -19.78 5.96 -25.75
N ARG B 67 -20.60 5.31 -24.92
CA ARG B 67 -20.74 3.85 -24.95
C ARG B 67 -21.05 3.37 -26.35
N HIS B 68 -21.88 4.13 -27.07
CA HIS B 68 -22.24 3.78 -28.43
C HIS B 68 -21.04 3.69 -29.35
N GLY B 69 -20.18 4.70 -29.28
CA GLY B 69 -18.96 4.73 -30.09
C GLY B 69 -18.21 3.41 -30.12
N PHE B 70 -18.19 2.72 -28.98
CA PHE B 70 -17.51 1.43 -28.87
C PHE B 70 -18.28 0.29 -29.48
N ASP B 71 -19.57 0.20 -29.19
CA ASP B 71 -20.40 -0.77 -29.86
C ASP B 71 -20.21 -0.70 -31.36
N ILE B 72 -20.01 0.51 -31.88
CA ILE B 72 -19.71 0.68 -33.30
C ILE B 72 -18.37 0.06 -33.65
N LEU B 73 -17.35 0.46 -32.92
CA LEU B 73 -15.98 0.03 -33.16
C LEU B 73 -15.87 -1.50 -33.12
N VAL B 74 -16.44 -2.10 -32.07
CA VAL B 74 -16.44 -3.54 -31.88
C VAL B 74 -16.98 -4.19 -33.13
N GLY B 75 -18.19 -3.77 -33.51
CA GLY B 75 -18.82 -4.25 -34.73
C GLY B 75 -17.85 -4.33 -35.89
N GLN B 76 -17.12 -3.23 -36.10
CA GLN B 76 -16.14 -3.13 -37.18
C GLN B 76 -14.96 -4.07 -36.99
N ILE B 77 -14.59 -4.37 -35.74
CA ILE B 77 -13.54 -5.35 -35.44
C ILE B 77 -14.01 -6.77 -35.77
N ASP B 78 -15.24 -7.10 -35.41
CA ASP B 78 -15.81 -8.39 -35.79
C ASP B 78 -15.87 -8.57 -37.30
N ASP B 79 -16.07 -7.46 -38.02
CA ASP B 79 -16.05 -7.46 -39.47
C ASP B 79 -14.65 -7.77 -40.02
N ALA B 80 -13.65 -7.03 -39.57
CA ALA B 80 -12.27 -7.26 -39.98
C ALA B 80 -11.80 -8.66 -39.63
N LEU B 81 -12.29 -9.15 -38.49
CA LEU B 81 -11.93 -10.48 -37.99
C LEU B 81 -12.59 -11.59 -38.81
N LYS B 82 -13.75 -11.29 -39.38
CA LYS B 82 -14.43 -12.17 -40.32
C LYS B 82 -13.57 -12.37 -41.55
N LEU B 83 -12.94 -11.29 -42.00
CA LEU B 83 -12.11 -11.29 -43.20
C LEU B 83 -10.81 -12.03 -42.99
N ALA B 84 -10.11 -11.70 -41.92
CA ALA B 84 -8.84 -12.35 -41.60
C ALA B 84 -9.05 -13.85 -41.37
N ASN B 85 -10.16 -14.21 -40.74
CA ASN B 85 -10.53 -15.62 -40.55
C ASN B 85 -10.58 -16.35 -41.87
N GLU B 86 -11.25 -15.72 -42.84
CA GLU B 86 -11.41 -16.30 -44.17
C GLU B 86 -10.14 -16.22 -45.02
N GLY B 87 -9.02 -15.80 -44.44
CA GLY B 87 -7.75 -15.72 -45.16
C GLY B 87 -7.53 -14.43 -45.93
N LYS B 88 -8.55 -13.59 -46.01
CA LYS B 88 -8.46 -12.33 -46.74
C LYS B 88 -7.69 -11.28 -45.92
N VAL B 89 -6.37 -11.27 -46.10
CA VAL B 89 -5.48 -10.46 -45.28
C VAL B 89 -5.61 -8.99 -45.65
N LYS B 90 -5.20 -8.66 -46.88
CA LYS B 90 -5.22 -7.27 -47.38
C LYS B 90 -6.55 -6.60 -47.10
N GLU B 91 -7.63 -7.32 -47.39
CA GLU B 91 -8.99 -6.85 -47.16
C GLU B 91 -9.23 -6.59 -45.69
N ALA B 92 -8.73 -7.48 -44.83
CA ALA B 92 -8.78 -7.27 -43.40
C ALA B 92 -7.95 -6.05 -42.98
N GLN B 93 -6.83 -5.83 -43.65
CA GLN B 93 -5.98 -4.66 -43.37
C GLN B 93 -6.65 -3.35 -43.76
N ALA B 94 -7.30 -3.34 -44.91
CA ALA B 94 -8.01 -2.16 -45.36
C ALA B 94 -9.11 -1.83 -44.37
N ALA B 95 -9.86 -2.85 -43.96
CA ALA B 95 -10.93 -2.69 -42.98
C ALA B 95 -10.42 -2.12 -41.68
N ALA B 96 -9.19 -2.50 -41.32
CA ALA B 96 -8.53 -1.98 -40.16
C ALA B 96 -8.19 -0.50 -40.32
N GLU B 97 -7.80 -0.10 -41.53
CA GLU B 97 -7.47 1.31 -41.78
C GLU B 97 -8.68 2.22 -41.48
N GLN B 98 -9.87 1.80 -41.89
CA GLN B 98 -11.06 2.64 -41.67
C GLN B 98 -11.44 2.74 -40.19
N LEU B 99 -10.96 1.82 -39.34
CA LEU B 99 -11.21 1.82 -37.88
C LEU B 99 -10.59 2.96 -37.12
N LYS B 100 -9.34 3.28 -37.50
CA LYS B 100 -8.61 4.39 -36.90
C LYS B 100 -9.49 5.64 -36.92
N THR B 101 -10.13 5.86 -38.06
CA THR B 101 -10.97 7.04 -38.26
C THR B 101 -12.25 6.99 -37.45
N THR B 102 -12.98 5.89 -37.59
CA THR B 102 -14.26 5.71 -36.88
C THR B 102 -14.08 5.79 -35.36
N ARG B 103 -12.91 5.39 -34.90
CA ARG B 103 -12.54 5.61 -33.52
C ARG B 103 -12.45 7.10 -33.24
N ASN B 104 -11.61 7.80 -34.00
CA ASN B 104 -11.36 9.23 -33.79
C ASN B 104 -12.60 10.09 -33.97
N ALA B 105 -13.43 9.76 -34.96
CA ALA B 105 -14.61 10.56 -35.27
C ALA B 105 -15.62 10.59 -34.12
N TYR B 106 -15.72 9.50 -33.37
CA TYR B 106 -16.77 9.36 -32.35
C TYR B 106 -16.28 9.40 -30.92
N ILE B 107 -15.34 8.53 -30.59
CA ILE B 107 -14.95 8.35 -29.20
C ILE B 107 -13.88 9.34 -28.75
N GLN B 108 -13.01 9.76 -29.67
CA GLN B 108 -11.89 10.64 -29.32
C GLN B 108 -12.30 11.92 -28.59
N LYS B 109 -13.49 12.45 -28.89
CA LYS B 109 -13.96 13.67 -28.23
C LYS B 109 -14.25 13.50 -26.75
N TYR B 110 -14.05 12.30 -26.20
CA TYR B 110 -14.32 12.04 -24.79
C TYR B 110 -13.05 11.86 -23.96
N LEU B 111 -11.88 11.78 -24.62
CA LEU B 111 -10.63 11.43 -23.93
C LEU B 111 -9.65 12.60 -23.86
N GLY B 112 -8.48 12.35 -23.27
CA GLY B 112 -7.37 13.29 -23.28
C GLY B 112 -7.31 14.22 -22.07
N ALA B 113 -8.45 14.45 -21.43
CA ALA B 113 -8.52 15.31 -20.25
C ALA B 113 -7.89 14.61 -19.04
N ARG B 114 -7.64 15.40 -18.00
CA ARG B 114 -6.98 14.90 -16.80
C ARG B 114 -8.01 14.40 -15.80
N SER B 115 -7.72 13.28 -15.15
CA SER B 115 -8.63 12.70 -14.16
C SER B 115 -8.77 13.58 -12.93
N ALA B 116 -9.93 13.50 -12.28
CA ALA B 116 -10.20 14.28 -11.07
C ALA B 116 -9.21 13.94 -9.95
N SER B 117 -8.92 12.65 -9.79
CA SER B 117 -7.83 12.19 -8.94
C SER B 117 -6.56 12.97 -9.26
N SER B 118 -6.17 12.93 -10.54
CA SER B 118 -4.94 13.56 -11.01
C SER B 118 -4.88 15.03 -10.69
N LEU B 119 -6.00 15.72 -10.89
CA LEU B 119 -6.12 17.11 -10.51
C LEU B 119 -5.88 17.26 -9.00
N ALA B 120 -6.58 16.43 -8.23
CA ALA B 120 -6.44 16.44 -6.77
C ALA B 120 -4.99 16.31 -6.35
N LEU B 121 -4.27 15.38 -6.98
CA LEU B 121 -2.83 15.23 -6.75
C LEU B 121 -2.12 16.56 -7.04
N ALA B 122 -2.40 17.13 -8.21
CA ALA B 122 -1.74 18.36 -8.63
C ALA B 122 -1.98 19.51 -7.64
N ILE B 123 -3.23 19.66 -7.19
CA ILE B 123 -3.56 20.69 -6.20
C ILE B 123 -2.86 20.34 -4.87
N ALA B 124 -2.89 19.06 -4.49
CA ALA B 124 -2.20 18.60 -3.30
C ALA B 124 -0.71 18.91 -3.36
N ILE B 125 -0.10 18.69 -4.51
CA ILE B 125 1.31 19.05 -4.68
C ILE B 125 1.50 20.55 -4.54
N THR B 126 0.87 21.30 -5.43
CA THR B 126 0.92 22.76 -5.39
C THR B 126 0.77 23.30 -3.97
N ALA B 127 -0.14 22.71 -3.19
CA ALA B 127 -0.26 23.05 -1.77
C ALA B 127 1.06 22.85 -1.05
N LEU B 128 1.48 21.59 -0.93
CA LEU B 128 2.73 21.24 -0.24
C LEU B 128 3.89 22.09 -0.74
N TYR B 129 4.01 22.20 -2.06
CA TYR B 129 5.05 23.04 -2.64
C TYR B 129 4.94 24.45 -2.12
N SER B 130 3.82 25.11 -2.39
CA SER B 130 3.60 26.47 -1.87
C SER B 130 3.95 26.55 -0.38
N ALA B 131 3.50 25.55 0.37
CA ALA B 131 3.74 25.45 1.81
C ALA B 131 5.23 25.37 2.15
N VAL B 132 5.93 24.40 1.54
CA VAL B 132 7.36 24.35 1.74
C VAL B 132 7.95 25.67 1.26
N CYS B 133 7.52 26.14 0.10
CA CYS B 133 8.12 27.30 -0.54
C CYS B 133 8.04 28.56 0.32
N ALA B 134 6.87 28.82 0.89
CA ALA B 134 6.69 29.98 1.77
C ALA B 134 7.55 29.88 3.03
N VAL B 135 7.76 28.68 3.53
CA VAL B 135 8.58 28.46 4.71
C VAL B 135 10.06 28.57 4.39
N GLY B 136 10.54 27.69 3.52
CA GLY B 136 11.98 27.57 3.25
C GLY B 136 12.60 28.83 2.70
N LEU B 137 11.91 29.45 1.75
CA LEU B 137 12.38 30.68 1.14
C LEU B 137 12.51 31.78 2.18
N LEU B 138 11.45 31.95 2.97
CA LEU B 138 11.48 32.85 4.12
C LEU B 138 12.57 32.38 5.09
N GLY B 139 12.40 31.17 5.65
CA GLY B 139 13.25 30.61 6.70
C GLY B 139 14.74 30.63 6.47
N ASN B 140 15.17 30.54 5.22
CA ASN B 140 16.59 30.54 4.91
C ASN B 140 17.12 31.90 4.50
N VAL B 141 16.25 32.77 3.99
CA VAL B 141 16.59 34.18 3.86
C VAL B 141 16.91 34.75 5.25
N LEU B 142 16.11 34.37 6.25
CA LEU B 142 16.38 34.76 7.62
C LEU B 142 17.74 34.24 8.06
N VAL B 143 17.96 32.94 7.91
CA VAL B 143 19.23 32.33 8.29
C VAL B 143 20.40 33.07 7.62
N MET B 144 20.28 33.31 6.32
CA MET B 144 21.32 34.03 5.60
C MET B 144 21.46 35.47 6.07
N PHE B 145 20.34 36.13 6.36
CA PHE B 145 20.38 37.51 6.88
C PHE B 145 20.97 37.52 8.29
N GLY B 146 20.52 36.60 9.14
CA GLY B 146 20.98 36.53 10.53
C GLY B 146 22.48 36.33 10.66
N ILE B 147 23.05 35.44 9.86
CA ILE B 147 24.47 35.12 9.94
C ILE B 147 25.34 36.32 9.57
N VAL B 148 25.07 36.94 8.44
CA VAL B 148 25.92 38.06 7.97
C VAL B 148 25.81 39.25 8.90
N ARG B 149 24.58 39.60 9.28
CA ARG B 149 24.31 40.80 10.06
C ARG B 149 24.95 40.78 11.46
N TYR B 150 24.69 39.72 12.22
CA TYR B 150 25.05 39.70 13.65
C TYR B 150 26.48 39.18 13.92
N THR B 151 27.26 39.99 14.64
CA THR B 151 28.72 39.83 14.76
C THR B 151 29.23 38.53 15.39
N LYS B 152 28.67 38.17 16.53
CA LYS B 152 29.21 37.08 17.36
C LYS B 152 29.04 35.65 16.79
N MET B 153 28.31 35.50 15.68
CA MET B 153 28.00 34.16 15.14
C MET B 153 28.66 33.81 13.77
N LYS B 154 29.80 34.43 13.48
CA LYS B 154 30.69 33.96 12.40
C LYS B 154 31.49 32.75 12.87
N THR B 155 30.80 31.61 13.02
CA THR B 155 31.40 30.33 13.45
C THR B 155 31.76 29.51 12.22
N ALA B 156 32.83 28.72 12.33
CA ALA B 156 33.25 27.86 11.21
C ALA B 156 32.09 27.04 10.68
N THR B 157 31.41 26.35 11.59
CA THR B 157 30.27 25.52 11.23
C THR B 157 29.10 26.36 10.71
N ASN B 158 28.85 27.51 11.32
CA ASN B 158 27.77 28.38 10.86
C ASN B 158 27.97 28.92 9.45
N ILE B 159 29.23 29.13 9.06
CA ILE B 159 29.55 29.54 7.69
C ILE B 159 29.19 28.42 6.69
N TYR B 160 29.38 27.17 7.11
CA TYR B 160 28.92 26.05 6.31
C TYR B 160 27.39 26.05 6.24
N ILE B 161 26.70 26.40 7.33
CA ILE B 161 25.24 26.43 7.30
C ILE B 161 24.76 27.47 6.30
N PHE B 162 25.36 28.65 6.35
CA PHE B 162 25.05 29.67 5.35
C PHE B 162 24.94 29.00 3.98
N ASN B 163 25.99 28.27 3.62
CA ASN B 163 26.06 27.55 2.34
C ASN B 163 24.82 26.71 2.08
N LEU B 164 24.32 26.03 3.11
CA LEU B 164 23.13 25.20 3.00
C LEU B 164 21.89 26.04 2.80
N ALA B 165 21.74 27.03 3.68
CA ALA B 165 20.63 27.97 3.60
C ALA B 165 20.54 28.63 2.23
N LEU B 166 21.69 28.83 1.60
CA LEU B 166 21.75 29.36 0.23
C LEU B 166 21.22 28.36 -0.80
N ALA B 167 21.77 27.15 -0.78
CA ALA B 167 21.36 26.11 -1.72
C ALA B 167 19.90 25.77 -1.56
N ASP B 168 19.47 25.69 -0.30
CA ASP B 168 18.07 25.41 0.02
C ASP B 168 17.18 26.55 -0.47
N ALA B 169 17.60 27.79 -0.23
CA ALA B 169 16.82 28.95 -0.65
C ALA B 169 16.63 28.91 -2.15
N LEU B 170 17.74 28.81 -2.87
CA LEU B 170 17.69 28.72 -4.32
C LEU B 170 16.74 27.62 -4.75
N ALA B 171 16.84 26.48 -4.08
CA ALA B 171 15.98 25.34 -4.40
C ALA B 171 14.51 25.74 -4.29
N THR B 172 14.14 26.29 -3.14
CA THR B 172 12.75 26.64 -2.85
C THR B 172 12.20 27.81 -3.68
N SER B 173 13.07 28.51 -4.39
CA SER B 173 12.62 29.54 -5.31
C SER B 173 12.08 28.93 -6.61
N THR B 174 12.48 27.69 -6.94
CA THR B 174 12.02 27.05 -8.18
C THR B 174 10.66 26.38 -8.03
N LEU B 175 10.22 26.18 -6.80
CA LEU B 175 9.04 25.35 -6.51
C LEU B 175 7.73 25.83 -7.15
N PRO B 176 7.41 27.12 -7.03
CA PRO B 176 6.15 27.57 -7.62
C PRO B 176 6.11 27.38 -9.13
N PHE B 177 7.26 27.42 -9.79
CA PHE B 177 7.36 27.12 -11.21
C PHE B 177 7.01 25.66 -11.47
N GLN B 178 7.49 24.77 -10.62
CA GLN B 178 7.13 23.37 -10.72
C GLN B 178 5.64 23.19 -10.45
N SER B 179 5.12 23.90 -9.45
CA SER B 179 3.68 23.87 -9.13
C SER B 179 2.82 24.25 -10.33
N ALA B 180 3.22 25.31 -11.02
CA ALA B 180 2.46 25.77 -12.18
C ALA B 180 2.60 24.76 -13.30
N LYS B 181 3.78 24.18 -13.45
CA LYS B 181 3.97 23.13 -14.46
C LYS B 181 3.00 21.98 -14.23
N TYR B 182 2.81 21.59 -12.98
CA TYR B 182 1.91 20.49 -12.66
C TYR B 182 0.46 20.83 -12.91
N LEU B 183 0.00 21.97 -12.39
CA LEU B 183 -1.40 22.35 -12.55
C LEU B 183 -1.74 22.56 -14.01
N MET B 184 -0.94 23.40 -14.68
CA MET B 184 -1.13 23.79 -16.06
C MET B 184 -0.82 22.67 -17.06
N GLU B 185 -0.11 21.65 -16.60
CA GLU B 185 0.29 20.52 -17.47
C GLU B 185 1.28 20.91 -18.59
N THR B 186 1.95 22.05 -18.45
CA THR B 186 2.95 22.49 -19.42
C THR B 186 3.98 23.41 -18.78
N TRP B 187 5.06 23.66 -19.52
CA TRP B 187 6.14 24.55 -19.07
C TRP B 187 6.11 25.86 -19.85
N PRO B 188 5.49 26.91 -19.27
CA PRO B 188 5.34 28.18 -19.98
C PRO B 188 6.46 29.20 -19.74
N PHE B 189 7.59 28.81 -19.13
CA PHE B 189 8.57 29.79 -18.65
C PHE B 189 9.80 29.96 -19.52
N GLY B 190 9.86 29.30 -20.66
CA GLY B 190 11.00 29.47 -21.57
C GLY B 190 12.24 28.63 -21.24
N GLU B 191 13.13 28.52 -22.21
CA GLU B 191 14.29 27.65 -22.08
C GLU B 191 15.25 28.06 -20.98
N LEU B 192 15.59 29.35 -20.91
CA LEU B 192 16.59 29.81 -19.96
C LEU B 192 16.23 29.42 -18.53
N LEU B 193 14.97 29.63 -18.19
CA LEU B 193 14.50 29.34 -16.85
C LEU B 193 14.34 27.85 -16.59
N CYS B 194 14.13 27.09 -17.64
CA CYS B 194 14.17 25.63 -17.56
C CYS B 194 15.58 25.19 -17.18
N LYS B 195 16.56 25.70 -17.92
CA LYS B 195 17.95 25.44 -17.63
C LYS B 195 18.30 25.87 -16.21
N ALA B 196 17.79 27.02 -15.81
CA ALA B 196 18.04 27.52 -14.45
C ALA B 196 17.51 26.57 -13.38
N VAL B 197 16.28 26.08 -13.57
CA VAL B 197 15.59 25.31 -12.54
C VAL B 197 16.19 23.92 -12.32
N LEU B 198 16.49 23.22 -13.41
CA LEU B 198 17.06 21.87 -13.30
C LEU B 198 18.47 21.88 -12.69
N SER B 199 19.37 22.67 -13.26
CA SER B 199 20.75 22.75 -12.73
C SER B 199 20.75 23.17 -11.25
N ILE B 200 19.86 24.09 -10.88
CA ILE B 200 19.66 24.43 -9.48
C ILE B 200 19.26 23.19 -8.65
N ASP B 201 18.46 22.31 -9.22
CA ASP B 201 18.04 21.10 -8.53
C ASP B 201 19.21 20.16 -8.28
N TYR B 202 20.16 20.14 -9.20
CA TYR B 202 21.36 19.33 -9.01
C TYR B 202 22.32 20.01 -8.05
N TYR B 203 22.57 21.31 -8.23
CA TYR B 203 23.41 22.06 -7.29
C TYR B 203 22.93 21.80 -5.88
N ASN B 204 21.62 21.82 -5.68
CA ASN B 204 21.03 21.64 -4.35
C ASN B 204 21.42 20.32 -3.69
N MET B 205 21.47 19.24 -4.47
CA MET B 205 21.81 17.93 -3.93
C MET B 205 23.27 17.81 -3.54
N PHE B 206 24.17 18.20 -4.46
CA PHE B 206 25.60 18.07 -4.23
C PHE B 206 26.10 19.06 -3.17
N THR B 207 25.85 20.35 -3.39
CA THR B 207 26.38 21.37 -2.49
C THR B 207 25.92 21.13 -1.08
N SER B 208 24.70 20.61 -0.93
CA SER B 208 24.20 20.22 0.39
C SER B 208 25.07 19.09 0.95
N ILE B 209 25.14 17.98 0.22
CA ILE B 209 25.77 16.78 0.75
C ILE B 209 27.29 16.93 0.90
N PHE B 210 27.87 17.83 0.12
CA PHE B 210 29.30 18.15 0.25
C PHE B 210 29.59 19.03 1.44
N THR B 211 28.74 20.02 1.65
CA THR B 211 28.80 20.84 2.83
C THR B 211 28.55 19.98 4.07
N LEU B 212 27.56 19.10 4.03
CA LEU B 212 27.29 18.20 5.16
C LEU B 212 28.39 17.19 5.41
N THR B 213 29.15 16.86 4.38
CA THR B 213 30.34 16.05 4.58
C THR B 213 31.44 16.89 5.24
N MET B 214 31.57 18.14 4.82
CA MET B 214 32.63 19.00 5.34
C MET B 214 32.32 19.48 6.74
N MET B 215 31.05 19.69 7.06
CA MET B 215 30.64 19.95 8.43
C MET B 215 31.05 18.77 9.28
N SER B 216 30.79 17.58 8.78
CA SER B 216 31.18 16.36 9.47
C SER B 216 32.70 16.23 9.60
N VAL B 217 33.42 16.44 8.52
CA VAL B 217 34.88 16.48 8.61
C VAL B 217 35.29 17.55 9.62
N ASP B 218 34.59 18.68 9.60
CA ASP B 218 34.92 19.80 10.49
C ASP B 218 34.76 19.42 11.95
N ARG B 219 33.61 18.88 12.32
CA ARG B 219 33.41 18.57 13.71
C ARG B 219 34.37 17.47 14.17
N TYR B 220 34.79 16.59 13.26
CA TYR B 220 35.76 15.54 13.57
C TYR B 220 37.13 16.09 13.96
N ILE B 221 37.70 16.93 13.10
CA ILE B 221 38.99 17.57 13.39
C ILE B 221 38.84 18.41 14.66
N ALA B 222 37.67 19.01 14.83
CA ALA B 222 37.37 19.75 16.05
C ALA B 222 37.51 18.82 17.25
N VAL B 223 36.82 17.68 17.22
CA VAL B 223 36.81 16.73 18.34
C VAL B 223 38.10 15.95 18.51
N CYS B 224 38.48 15.19 17.49
CA CYS B 224 39.57 14.24 17.60
C CYS B 224 40.96 14.87 17.48
N HIS B 225 41.04 16.07 16.90
CA HIS B 225 42.32 16.75 16.73
C HIS B 225 42.21 18.23 17.06
N PRO B 226 41.90 18.56 18.34
CA PRO B 226 41.64 19.94 18.69
C PRO B 226 42.88 20.82 18.57
N VAL B 227 44.05 20.27 18.86
CA VAL B 227 45.31 20.98 18.63
C VAL B 227 45.36 21.44 17.17
N LYS B 228 45.50 20.48 16.26
CA LYS B 228 45.55 20.74 14.83
C LYS B 228 44.46 21.71 14.35
N ALA B 229 43.25 21.55 14.91
CA ALA B 229 42.08 22.31 14.45
C ALA B 229 42.32 23.81 14.39
N LEU B 230 42.88 24.36 15.47
CA LEU B 230 43.08 25.81 15.60
C LEU B 230 43.72 26.45 14.36
N ASP B 231 44.59 25.71 13.68
CA ASP B 231 45.19 26.19 12.42
C ASP B 231 44.21 25.98 11.25
N PHE B 232 43.55 24.83 11.23
CA PHE B 232 42.72 24.39 10.10
C PHE B 232 41.24 24.86 10.12
N ARG B 233 40.74 25.33 11.26
CA ARG B 233 39.30 25.58 11.47
C ARG B 233 38.87 27.06 11.57
N THR B 234 39.30 27.89 10.64
CA THR B 234 38.96 29.33 10.63
C THR B 234 37.82 29.64 9.66
N PRO B 235 37.18 30.82 9.81
CA PRO B 235 36.05 31.17 8.94
C PRO B 235 36.47 31.47 7.50
N ALA B 236 37.50 32.30 7.33
CA ALA B 236 38.03 32.60 6.01
C ALA B 236 38.20 31.32 5.20
N LYS B 237 38.71 30.28 5.86
CA LYS B 237 38.92 28.99 5.22
C LYS B 237 37.61 28.28 4.88
N ALA B 238 36.66 28.32 5.81
CA ALA B 238 35.34 27.75 5.55
C ALA B 238 34.71 28.37 4.32
N LYS B 239 34.78 29.70 4.22
CA LYS B 239 34.35 30.40 3.01
C LYS B 239 35.01 29.78 1.77
N LEU B 240 36.33 29.60 1.83
CA LEU B 240 37.06 28.98 0.71
C LEU B 240 36.50 27.62 0.34
N ILE B 241 36.26 26.77 1.34
CA ILE B 241 35.72 25.42 1.10
C ILE B 241 34.30 25.52 0.54
N ASN B 242 33.52 26.46 1.04
CA ASN B 242 32.21 26.73 0.44
C ASN B 242 32.34 27.01 -1.04
N ILE B 243 33.27 27.86 -1.41
CA ILE B 243 33.43 28.19 -2.80
C ILE B 243 33.92 26.97 -3.56
N CYS B 244 34.81 26.19 -2.94
CA CYS B 244 35.28 24.96 -3.56
C CYS B 244 34.11 24.00 -3.78
N ILE B 245 33.31 23.80 -2.73
CA ILE B 245 32.12 22.97 -2.80
C ILE B 245 31.26 23.34 -4.03
N TRP B 246 31.12 24.64 -4.30
CA TRP B 246 30.33 25.13 -5.43
C TRP B 246 31.01 24.90 -6.77
N VAL B 247 32.31 25.20 -6.85
CA VAL B 247 33.05 24.98 -8.09
C VAL B 247 33.07 23.49 -8.42
N LEU B 248 33.41 22.67 -7.43
CA LEU B 248 33.41 21.24 -7.62
C LEU B 248 32.04 20.75 -8.06
N ALA B 249 31.00 21.12 -7.31
CA ALA B 249 29.63 20.79 -7.71
C ALA B 249 29.35 21.17 -9.17
N SER B 250 29.91 22.30 -9.63
CA SER B 250 29.80 22.75 -11.04
C SER B 250 30.36 21.78 -12.06
N GLY B 251 31.23 20.86 -11.61
CA GLY B 251 31.59 19.70 -12.39
C GLY B 251 30.38 18.85 -12.79
N VAL B 252 29.28 18.95 -12.06
CA VAL B 252 28.03 18.28 -12.43
C VAL B 252 26.95 19.26 -12.83
N GLY B 253 27.02 20.48 -12.30
CA GLY B 253 25.94 21.47 -12.46
C GLY B 253 25.93 22.18 -13.80
N VAL B 254 27.12 22.54 -14.28
CA VAL B 254 27.26 23.23 -15.55
C VAL B 254 26.91 22.31 -16.73
N PRO B 255 27.43 21.07 -16.74
CA PRO B 255 27.03 20.21 -17.86
C PRO B 255 25.52 20.02 -17.98
N ILE B 256 24.81 20.01 -16.85
CA ILE B 256 23.35 19.98 -16.86
C ILE B 256 22.80 21.31 -17.40
N MET B 257 23.42 22.42 -16.98
CA MET B 257 23.08 23.77 -17.44
C MET B 257 22.94 23.77 -18.95
N VAL B 258 23.95 23.21 -19.63
CA VAL B 258 23.94 23.16 -21.09
C VAL B 258 22.99 22.06 -21.59
N MET B 259 23.06 20.89 -20.97
CA MET B 259 22.31 19.72 -21.41
C MET B 259 20.78 19.81 -21.19
N ALA B 260 20.33 20.62 -20.23
CA ALA B 260 18.90 20.83 -20.02
C ALA B 260 18.34 21.71 -21.13
N VAL B 261 17.13 21.40 -21.61
CA VAL B 261 16.48 22.14 -22.70
C VAL B 261 14.96 22.03 -22.66
N THR B 262 14.31 22.85 -23.48
CA THR B 262 12.86 22.87 -23.57
C THR B 262 12.47 22.46 -24.98
N ARG B 263 11.52 21.52 -25.09
CA ARG B 263 11.06 20.97 -26.37
C ARG B 263 9.55 20.73 -26.31
N PRO B 264 8.82 20.85 -27.45
CA PRO B 264 7.41 20.43 -27.40
C PRO B 264 7.29 18.92 -27.57
N ARG B 265 6.36 18.32 -26.84
CA ARG B 265 6.15 16.87 -26.94
C ARG B 265 4.67 16.54 -26.70
N ASP B 266 4.03 15.91 -27.69
CA ASP B 266 2.67 15.42 -27.56
C ASP B 266 1.74 16.45 -26.92
N GLY B 267 1.72 17.65 -27.50
CA GLY B 267 0.72 18.66 -27.15
C GLY B 267 1.14 19.69 -26.13
N ALA B 268 2.27 19.46 -25.47
CA ALA B 268 2.73 20.37 -24.43
C ALA B 268 4.20 20.73 -24.64
N VAL B 269 4.67 21.63 -23.80
CA VAL B 269 6.08 22.00 -23.77
C VAL B 269 6.66 21.45 -22.47
N VAL B 270 7.76 20.72 -22.58
CA VAL B 270 8.35 20.01 -21.44
C VAL B 270 9.84 20.32 -21.30
N CYS B 271 10.24 20.58 -20.06
CA CYS B 271 11.62 20.89 -19.71
C CYS B 271 12.29 19.57 -19.36
N MET B 272 13.53 19.36 -19.84
CA MET B 272 14.16 18.03 -19.70
C MET B 272 15.64 17.98 -20.08
N LEU B 273 16.27 16.86 -19.73
CA LEU B 273 17.68 16.62 -19.99
C LEU B 273 17.88 15.91 -21.30
N GLN B 274 18.97 16.25 -21.99
CA GLN B 274 19.30 15.69 -23.31
C GLN B 274 20.69 15.07 -23.30
N PHE B 275 20.74 13.81 -22.92
CA PHE B 275 22.02 13.09 -22.84
C PHE B 275 22.48 12.69 -24.24
N PRO B 276 23.78 12.94 -24.57
CA PRO B 276 24.33 12.45 -25.83
C PRO B 276 24.04 10.95 -26.03
N SER B 277 23.59 10.58 -27.23
CA SER B 277 23.15 9.22 -27.50
C SER B 277 24.25 8.21 -27.13
N PRO B 278 23.90 7.11 -26.45
CA PRO B 278 22.55 6.71 -26.04
C PRO B 278 22.10 7.44 -24.77
N SER B 279 20.94 8.09 -24.85
CA SER B 279 20.43 8.85 -23.73
C SER B 279 20.08 7.92 -22.58
N TRP B 280 19.31 6.87 -22.85
CA TRP B 280 18.83 5.99 -21.79
C TRP B 280 19.99 5.41 -21.00
N TYR B 281 21.14 5.25 -21.65
CA TYR B 281 22.34 4.76 -20.98
C TYR B 281 23.02 5.84 -20.16
N TRP B 282 23.43 6.93 -20.80
CA TRP B 282 24.04 8.06 -20.11
C TRP B 282 23.16 8.58 -18.99
N ASP B 283 21.84 8.51 -19.18
CA ASP B 283 20.89 8.91 -18.16
C ASP B 283 21.05 8.03 -16.92
N THR B 284 21.13 6.73 -17.13
CA THR B 284 21.42 5.81 -16.03
C THR B 284 22.79 6.12 -15.42
N VAL B 285 23.80 6.29 -16.27
CA VAL B 285 25.15 6.60 -15.79
C VAL B 285 25.08 7.67 -14.70
N THR B 286 24.50 8.81 -15.08
CA THR B 286 24.37 9.95 -14.19
C THR B 286 23.57 9.57 -12.95
N LYS B 287 22.46 8.86 -13.14
CA LYS B 287 21.59 8.45 -12.03
C LYS B 287 22.29 7.56 -11.02
N ILE B 288 23.28 6.79 -11.48
CA ILE B 288 24.09 5.99 -10.57
C ILE B 288 25.07 6.90 -9.83
N CYS B 289 25.77 7.75 -10.58
CA CYS B 289 26.77 8.65 -10.00
C CYS B 289 26.19 9.56 -8.94
N VAL B 290 25.01 10.11 -9.22
CA VAL B 290 24.30 10.92 -8.25
C VAL B 290 23.97 10.10 -6.99
N PHE B 291 23.68 8.81 -7.15
CA PHE B 291 23.44 7.95 -5.99
C PHE B 291 24.73 7.61 -5.24
N LEU B 292 25.85 7.47 -5.94
CA LEU B 292 27.13 7.21 -5.27
C LEU B 292 27.72 8.47 -4.70
N PHE B 293 28.02 9.41 -5.60
CA PHE B 293 28.87 10.55 -5.28
C PHE B 293 28.14 11.68 -4.61
N ALA B 294 26.82 11.66 -4.62
CA ALA B 294 26.04 12.64 -3.87
C ALA B 294 25.19 11.97 -2.79
N PHE B 295 25.42 10.68 -2.52
CA PHE B 295 24.70 9.99 -1.47
C PHE B 295 25.56 8.98 -0.69
N VAL B 296 25.75 7.79 -1.23
CA VAL B 296 26.40 6.73 -0.47
C VAL B 296 27.82 7.13 -0.08
N VAL B 297 28.61 7.55 -1.06
CA VAL B 297 30.03 7.80 -0.85
C VAL B 297 30.26 8.93 0.16
N PRO B 298 29.55 10.05 0.00
CA PRO B 298 29.60 11.06 1.07
C PRO B 298 29.05 10.57 2.40
N ILE B 299 28.01 9.74 2.38
CA ILE B 299 27.49 9.17 3.61
C ILE B 299 28.55 8.34 4.32
N LEU B 300 29.19 7.42 3.60
CA LEU B 300 30.20 6.58 4.21
C LEU B 300 31.27 7.43 4.91
N ILE B 301 31.66 8.53 4.26
CA ILE B 301 32.60 9.48 4.85
C ILE B 301 32.06 10.03 6.16
N ILE B 302 30.79 10.44 6.14
CA ILE B 302 30.16 11.01 7.33
C ILE B 302 30.10 9.99 8.45
N THR B 303 29.69 8.76 8.11
CA THR B 303 29.57 7.67 9.08
C THR B 303 30.93 7.37 9.70
N VAL B 304 31.97 7.28 8.88
CA VAL B 304 33.33 7.19 9.38
C VAL B 304 33.60 8.35 10.35
N CYS B 305 33.52 9.59 9.85
CA CYS B 305 33.71 10.79 10.68
C CYS B 305 33.01 10.65 12.02
N TYR B 306 31.75 10.21 11.97
CA TYR B 306 30.94 10.07 13.18
C TYR B 306 31.33 8.86 14.01
N GLY B 307 31.64 7.74 13.35
CA GLY B 307 32.12 6.56 14.06
C GLY B 307 33.29 6.91 14.96
N LEU B 308 34.29 7.56 14.37
CA LEU B 308 35.53 7.89 15.08
C LEU B 308 35.30 8.79 16.30
N MET B 309 34.34 9.69 16.18
CA MET B 309 34.05 10.61 17.27
C MET B 309 33.28 9.95 18.42
N LEU B 310 32.68 8.77 18.21
CA LEU B 310 32.08 8.00 19.33
C LEU B 310 33.13 7.56 20.34
N LEU B 311 34.38 7.41 19.90
CA LEU B 311 35.48 7.07 20.77
C LEU B 311 35.47 8.06 21.94
N ARG B 312 35.05 9.30 21.64
CA ARG B 312 34.89 10.35 22.65
C ARG B 312 33.46 10.90 22.60
N GLY B 321 39.01 21.52 26.51
CA GLY B 321 38.56 22.90 26.62
C GLY B 321 38.27 23.32 28.05
N SER B 322 36.98 23.41 28.39
CA SER B 322 36.53 24.06 29.63
C SER B 322 35.07 23.69 29.96
N LYS B 323 34.47 24.39 30.93
CA LYS B 323 33.12 24.05 31.41
C LYS B 323 32.06 24.15 30.31
N GLU B 324 31.82 25.38 29.83
CA GLU B 324 30.77 25.66 28.86
C GLU B 324 31.17 25.29 27.43
N LYS B 325 32.46 25.23 27.15
CA LYS B 325 32.96 24.88 25.82
C LYS B 325 32.78 23.40 25.49
N ASP B 326 32.94 22.52 26.49
CA ASP B 326 32.73 21.09 26.27
C ASP B 326 31.26 20.77 26.07
N ARG B 327 30.42 21.40 26.89
CA ARG B 327 28.96 21.30 26.73
C ARG B 327 28.52 21.85 25.36
N SER B 328 29.12 22.97 24.96
CA SER B 328 28.83 23.64 23.68
C SER B 328 29.17 22.79 22.45
N LEU B 329 30.40 22.25 22.42
CA LEU B 329 30.81 21.35 21.35
C LEU B 329 29.78 20.25 21.18
N ARG B 330 29.42 19.60 22.28
CA ARG B 330 28.43 18.52 22.27
C ARG B 330 27.10 18.96 21.63
N ARG B 331 26.59 20.11 22.05
CA ARG B 331 25.32 20.63 21.53
C ARG B 331 25.38 20.90 20.02
N ILE B 332 26.46 21.56 19.61
CA ILE B 332 26.66 21.89 18.19
C ILE B 332 26.94 20.64 17.38
N THR B 333 27.79 19.77 17.89
CA THR B 333 28.03 18.50 17.24
C THR B 333 26.73 17.71 17.09
N ARG B 334 25.95 17.63 18.15
CA ARG B 334 24.70 16.88 18.09
C ARG B 334 23.71 17.52 17.11
N MET B 335 23.80 18.83 16.94
CA MET B 335 22.99 19.52 15.94
C MET B 335 23.28 18.97 14.55
N VAL B 336 24.56 18.88 14.18
CA VAL B 336 24.96 18.44 12.83
C VAL B 336 24.48 17.02 12.50
N LEU B 337 24.53 16.13 13.49
CA LEU B 337 24.09 14.74 13.30
C LEU B 337 22.59 14.69 12.96
N VAL B 338 21.82 15.56 13.60
CA VAL B 338 20.38 15.62 13.37
C VAL B 338 20.11 16.13 11.95
N VAL B 339 20.71 17.27 11.59
CA VAL B 339 20.54 17.83 10.25
C VAL B 339 21.01 16.86 9.18
N VAL B 340 22.13 16.19 9.44
CA VAL B 340 22.62 15.09 8.62
C VAL B 340 21.57 13.98 8.52
N GLY B 341 21.08 13.53 9.67
CA GLY B 341 20.07 12.48 9.72
C GLY B 341 18.78 12.93 9.06
N ALA B 342 18.30 14.09 9.47
CA ALA B 342 17.10 14.72 8.91
C ALA B 342 17.22 14.83 7.39
N PHE B 343 18.38 15.25 6.93
CA PHE B 343 18.66 15.22 5.52
C PHE B 343 18.43 13.82 4.97
N VAL B 344 19.13 12.84 5.52
CA VAL B 344 19.07 11.46 4.99
C VAL B 344 17.64 10.97 4.87
N VAL B 345 16.89 11.06 5.95
CA VAL B 345 15.51 10.57 5.97
C VAL B 345 14.62 11.27 4.94
N CYS B 346 14.89 12.54 4.65
CA CYS B 346 14.15 13.26 3.59
C CYS B 346 14.46 12.74 2.20
N TRP B 347 15.74 12.45 1.96
CA TRP B 347 16.21 12.08 0.63
C TRP B 347 16.34 10.58 0.42
N ALA B 348 16.50 9.83 1.50
CA ALA B 348 16.64 8.37 1.40
C ALA B 348 15.47 7.73 0.65
N PRO B 349 14.24 8.16 0.96
CA PRO B 349 13.07 7.67 0.23
C PRO B 349 13.14 7.84 -1.28
N ILE B 350 13.35 9.08 -1.73
CA ILE B 350 13.37 9.39 -3.16
C ILE B 350 14.59 8.84 -3.90
N HIS B 351 15.75 8.78 -3.23
CA HIS B 351 16.94 8.25 -3.88
C HIS B 351 16.81 6.76 -4.12
N ILE B 352 16.12 6.08 -3.22
CA ILE B 352 15.79 4.68 -3.40
C ILE B 352 14.79 4.55 -4.55
N PHE B 353 13.67 5.25 -4.42
CA PHE B 353 12.59 5.17 -5.41
C PHE B 353 13.13 5.32 -6.85
N VAL B 354 13.96 6.34 -7.06
CA VAL B 354 14.52 6.63 -8.38
C VAL B 354 15.41 5.53 -8.94
N ILE B 355 16.11 4.80 -8.05
CA ILE B 355 17.00 3.73 -8.48
C ILE B 355 16.19 2.47 -8.80
N VAL B 356 15.08 2.30 -8.07
CA VAL B 356 14.10 1.27 -8.40
C VAL B 356 13.48 1.64 -9.73
N TRP B 357 12.90 2.83 -9.80
CA TRP B 357 12.22 3.33 -11.00
C TRP B 357 13.04 3.15 -12.30
N THR B 358 14.37 3.28 -12.21
CA THR B 358 15.23 3.23 -13.41
C THR B 358 16.02 1.94 -13.51
N LEU B 359 15.61 0.92 -12.79
CA LEU B 359 16.26 -0.39 -12.90
C LEU B 359 15.24 -1.53 -12.80
N VAL B 360 14.39 -1.48 -11.77
CA VAL B 360 13.32 -2.45 -11.61
C VAL B 360 12.02 -1.92 -12.26
N ASP B 361 11.58 -2.58 -13.31
CA ASP B 361 10.39 -2.14 -14.06
C ASP B 361 9.10 -2.52 -13.34
N ILE B 362 8.71 -1.66 -12.40
CA ILE B 362 7.44 -1.80 -11.64
C ILE B 362 6.28 -1.20 -12.45
N ASP B 363 5.08 -1.18 -11.86
CA ASP B 363 3.88 -0.57 -12.48
C ASP B 363 3.85 0.93 -12.21
N ARG B 364 4.14 1.72 -13.25
CA ARG B 364 4.50 3.14 -13.08
C ARG B 364 3.32 4.12 -13.26
N ARG B 365 2.13 3.61 -13.54
CA ARG B 365 0.93 4.45 -13.70
C ARG B 365 -0.13 4.28 -12.60
N ASP B 366 0.15 3.49 -11.58
CA ASP B 366 -0.79 3.28 -10.48
C ASP B 366 -0.98 4.55 -9.64
N PRO B 367 -2.22 4.82 -9.16
CA PRO B 367 -2.49 5.94 -8.26
C PRO B 367 -1.59 5.94 -7.01
N LEU B 368 -1.59 4.84 -6.26
CA LEU B 368 -0.82 4.72 -5.02
C LEU B 368 0.70 4.79 -5.26
N VAL B 369 1.16 4.38 -6.44
CA VAL B 369 2.59 4.41 -6.78
C VAL B 369 3.05 5.83 -7.13
N VAL B 370 2.44 6.41 -8.17
CA VAL B 370 2.79 7.74 -8.65
C VAL B 370 2.68 8.75 -7.51
N ALA B 371 1.52 8.76 -6.85
CA ALA B 371 1.31 9.60 -5.69
C ALA B 371 2.47 9.46 -4.71
N ALA B 372 2.73 8.24 -4.27
CA ALA B 372 3.79 7.97 -3.28
C ALA B 372 5.14 8.53 -3.72
N LEU B 373 5.47 8.33 -4.99
CA LEU B 373 6.65 8.94 -5.59
C LEU B 373 6.58 10.46 -5.42
N HIS B 374 5.59 11.09 -6.04
CA HIS B 374 5.43 12.55 -5.93
C HIS B 374 5.35 13.02 -4.49
N LEU B 375 4.64 12.26 -3.67
CA LEU B 375 4.41 12.63 -2.28
C LEU B 375 5.67 12.38 -1.42
N CYS B 376 6.72 11.79 -2.01
CA CYS B 376 8.04 11.71 -1.35
C CYS B 376 9.22 12.38 -2.13
N ILE B 377 8.97 12.82 -3.36
CA ILE B 377 9.80 13.87 -3.97
C ILE B 377 9.57 15.13 -3.14
N ALA B 378 8.30 15.39 -2.84
CA ALA B 378 7.88 16.47 -1.96
C ALA B 378 8.64 16.47 -0.63
N LEU B 379 8.87 15.29 -0.08
CA LEU B 379 9.66 15.14 1.14
C LEU B 379 11.09 15.64 0.92
N GLY B 380 11.67 15.28 -0.23
CA GLY B 380 12.99 15.81 -0.60
C GLY B 380 13.05 17.30 -0.44
N TYR B 381 12.16 18.00 -1.14
CA TYR B 381 12.09 19.46 -1.06
C TYR B 381 11.67 19.99 0.31
N ALA B 382 10.95 19.19 1.09
CA ALA B 382 10.58 19.58 2.46
C ALA B 382 11.80 19.71 3.35
N ASN B 383 12.89 19.04 2.98
CA ASN B 383 14.15 19.16 3.69
C ASN B 383 14.60 20.61 3.78
N SER B 384 14.36 21.39 2.74
CA SER B 384 14.75 22.81 2.70
C SER B 384 13.95 23.72 3.65
N SER B 385 12.69 23.39 3.90
CA SER B 385 11.87 24.15 4.85
C SER B 385 12.16 23.71 6.28
N LEU B 386 12.57 22.46 6.43
CA LEU B 386 12.85 21.88 7.74
C LEU B 386 14.10 22.46 8.36
N ASN B 387 15.17 22.49 7.58
CA ASN B 387 16.44 23.03 8.04
C ASN B 387 16.33 24.26 8.95
N PRO B 388 15.82 25.38 8.42
CA PRO B 388 15.89 26.59 9.23
C PRO B 388 15.20 26.44 10.58
N VAL B 389 14.16 25.60 10.63
CA VAL B 389 13.48 25.29 11.88
C VAL B 389 14.45 24.56 12.82
N LEU B 390 15.11 23.52 12.33
CA LEU B 390 16.07 22.74 13.12
C LEU B 390 17.21 23.61 13.65
N TYR B 391 17.65 24.56 12.83
CA TYR B 391 18.68 25.50 13.27
C TYR B 391 18.17 26.30 14.46
N ALA B 392 16.98 26.87 14.33
CA ALA B 392 16.41 27.73 15.36
C ALA B 392 15.75 26.97 16.52
N PHE B 393 15.77 25.65 16.45
CA PHE B 393 15.29 24.79 17.54
C PHE B 393 16.44 24.13 18.29
N LEU B 394 17.57 23.95 17.62
CA LEU B 394 18.72 23.26 18.20
C LEU B 394 19.96 24.13 18.42
N ASP B 395 19.96 25.34 17.86
CA ASP B 395 20.98 26.33 18.17
C ASP B 395 20.29 27.44 18.94
N GLU B 396 20.91 27.86 20.05
CA GLU B 396 20.27 28.81 20.95
C GLU B 396 20.32 30.19 20.31
N ASN B 397 21.49 30.56 19.80
CA ASN B 397 21.68 31.83 19.09
C ASN B 397 20.72 32.03 17.90
N PHE B 398 20.42 30.94 17.19
CA PHE B 398 19.39 30.98 16.14
C PHE B 398 17.99 31.05 16.76
N LYS B 399 17.74 30.24 17.78
CA LYS B 399 16.45 30.27 18.49
C LYS B 399 16.10 31.68 18.97
N ARG B 400 17.08 32.35 19.57
CA ARG B 400 16.93 33.73 20.03
C ARG B 400 16.57 34.67 18.88
N CYS B 401 17.43 34.70 17.86
CA CYS B 401 17.27 35.62 16.72
C CYS B 401 15.89 35.55 16.06
N PHE B 402 15.36 34.34 15.93
CA PHE B 402 14.10 34.13 15.22
C PHE B 402 12.90 34.74 15.98
N ARG B 403 13.05 34.95 17.28
CA ARG B 403 12.07 35.71 18.07
C ARG B 403 12.67 37.02 18.58
N PHE C 3 14.12 13.72 -12.67
CA PHE C 3 13.42 14.49 -13.71
C PHE C 3 12.73 13.60 -14.76
N PHE C 4 11.65 13.00 -14.20
CA PHE C 4 10.60 12.15 -14.79
C PHE C 4 9.40 12.39 -13.82
N PHE D 3 -15.57 -15.11 8.42
CA PHE D 3 -15.44 -16.21 7.42
C PHE D 3 -16.77 -16.47 6.64
N PHE D 4 -16.64 -17.24 5.53
CA PHE D 4 -17.78 -17.62 4.65
C PHE D 4 -18.99 -18.05 5.49
#